data_2IKO
#
_entry.id   2IKO
#
_cell.length_a   140.885
_cell.length_b   140.885
_cell.length_c   140.885
_cell.angle_alpha   90.000
_cell.angle_beta   90.000
_cell.angle_gamma   90.000
#
_symmetry.space_group_name_H-M   'P 21 3'
#
loop_
_entity.id
_entity.type
_entity.pdbx_description
1 polymer Renin
2 non-polymer 5-{4-[(3,5-DIFLUOROBENZYL)AMINO]PHENYL}-6-ETHYLPYRIMIDINE-2,4-DIAMINE
3 water water
#
_entity_poly.entity_id   1
_entity_poly.type   'polypeptide(L)'
_entity_poly.pdbx_seq_one_letter_code
;LTLGNTTSSVILTNYMDTQYYGEIGIGTPPQTFKVVFDTGSSNVWVPSSKCSRLYTACVYHKLFDASDSSSYKHNGTELT
LRYSTGTVSGFLSQDIITVGGITVTQMFGEVTEMPALPFMLAEFDGVVGMGFIEQAIGRVTPIFDNIISQGVLKEDVFSF
YYNRDSENSQSLGGQIVLGGSDPQHYEGNFHYINLIKTGVWQIQMKGVSVGSSTLLCEDGCLALVDTGASYISGSTSSIE
KLMEALGAKKRLFDYVVKCNEGPTLPDISFHLGGKEYTLTSADYVFQESYSSKKLCTLAIHAMDIPPPTGPTWALGATFI
RKFYTEFDRRNNRIGFALAR
;
_entity_poly.pdbx_strand_id   A,B
#
loop_
_chem_comp.id
_chem_comp.type
_chem_comp.name
_chem_comp.formula
7IG non-polymer 5-{4-[(3,5-DIFLUOROBENZYL)AMINO]PHENYL}-6-ETHYLPYRIMIDINE-2,4-DIAMINE 'C19 H19 F2 N5'
#
# COMPACT_ATOMS: atom_id res chain seq x y z
N LEU A 3 28.16 -13.73 -17.00
CA LEU A 3 27.29 -13.80 -15.79
C LEU A 3 28.03 -14.39 -14.60
N GLY A 4 27.97 -13.70 -13.46
CA GLY A 4 28.62 -14.13 -12.23
C GLY A 4 27.62 -14.68 -11.25
N ASN A 5 27.87 -14.51 -9.95
CA ASN A 5 26.96 -14.99 -8.92
C ASN A 5 26.55 -13.93 -7.90
N THR A 6 26.84 -12.66 -8.16
CA THR A 6 26.56 -11.63 -7.18
C THR A 6 25.26 -10.90 -7.50
N THR A 7 24.53 -10.55 -6.45
CA THR A 7 23.48 -9.55 -6.54
C THR A 7 23.84 -8.49 -5.50
N SER A 8 23.51 -7.23 -5.79
CA SER A 8 23.76 -6.13 -4.88
C SER A 8 22.47 -5.33 -4.71
N SER A 9 22.16 -4.95 -3.47
CA SER A 9 21.01 -4.10 -3.22
C SER A 9 21.45 -2.70 -2.78
N VAL A 10 20.63 -1.70 -3.12
CA VAL A 10 20.83 -0.36 -2.63
C VAL A 10 19.56 0.04 -1.90
N ILE A 11 19.72 0.42 -0.63
CA ILE A 11 18.59 0.90 0.17
C ILE A 11 18.22 2.29 -0.31
N LEU A 12 16.92 2.51 -0.50
CA LEU A 12 16.42 3.81 -0.92
C LEU A 12 15.65 4.51 0.19
N THR A 13 15.72 5.83 0.16
CA THR A 13 14.94 6.70 1.01
C THR A 13 13.73 7.19 0.22
N ASN A 14 12.58 7.23 0.88
CA ASN A 14 11.34 7.70 0.32
C ASN A 14 11.04 9.08 0.90
N TYR A 15 11.20 10.11 0.07
CA TYR A 15 10.81 11.47 0.42
C TYR A 15 9.40 11.79 -0.10
N MET A 16 8.45 11.80 0.82
CA MET A 16 7.07 12.24 0.57
CA MET A 16 7.04 12.18 0.63
C MET A 16 6.35 11.53 -0.56
N ASP A 17 6.72 10.28 -0.84
CA ASP A 17 6.14 9.51 -1.93
C ASP A 17 6.44 10.08 -3.34
N THR A 18 7.34 11.05 -3.44
CA THR A 18 7.64 11.67 -4.73
C THR A 18 9.11 11.57 -5.20
N GLN A 19 10.04 11.36 -4.27
CA GLN A 19 11.46 11.19 -4.60
C GLN A 19 12.01 9.99 -3.88
N TYR A 20 12.55 9.04 -4.63
CA TYR A 20 13.16 7.86 -4.04
C TYR A 20 14.61 7.84 -4.45
N TYR A 21 15.50 7.83 -3.48
CA TYR A 21 16.92 7.95 -3.79
C TYR A 21 17.77 7.12 -2.87
N GLY A 22 18.94 6.75 -3.36
CA GLY A 22 19.89 5.96 -2.61
C GLY A 22 21.24 6.64 -2.68
N GLU A 23 22.22 6.03 -2.04
CA GLU A 23 23.54 6.62 -1.94
C GLU A 23 24.49 5.95 -2.91
N ILE A 24 25.32 6.76 -3.56
CA ILE A 24 26.49 6.28 -4.28
C ILE A 24 27.72 7.06 -3.78
N GLY A 25 28.90 6.49 -3.94
CA GLY A 25 30.15 7.17 -3.66
C GLY A 25 30.96 7.35 -4.94
N ILE A 26 31.57 8.51 -5.10
CA ILE A 26 32.35 8.82 -6.29
C ILE A 26 33.71 9.33 -5.84
N GLY A 27 34.77 8.73 -6.39
CA GLY A 27 36.12 9.20 -6.16
C GLY A 27 36.86 8.47 -5.06
N THR A 28 38.10 8.90 -4.86
CA THR A 28 39.01 8.37 -3.87
C THR A 28 39.61 9.55 -3.10
N PRO A 29 39.26 9.68 -1.81
CA PRO A 29 38.28 8.90 -1.06
C PRO A 29 36.85 9.17 -1.56
N PRO A 30 35.89 8.31 -1.20
CA PRO A 30 34.54 8.51 -1.74
C PRO A 30 33.87 9.82 -1.33
N GLN A 31 33.26 10.47 -2.29
CA GLN A 31 32.33 11.56 -2.05
C GLN A 31 30.94 10.99 -2.26
N THR A 32 30.09 11.06 -1.24
CA THR A 32 28.76 10.45 -1.33
C THR A 32 27.67 11.41 -1.85
N PHE A 33 26.72 10.85 -2.59
CA PHE A 33 25.64 11.60 -3.21
C PHE A 33 24.36 10.82 -3.07
N LYS A 34 23.26 11.55 -2.86
CA LYS A 34 21.92 11.01 -2.94
C LYS A 34 21.49 11.08 -4.41
N VAL A 35 21.13 9.92 -4.98
CA VAL A 35 20.77 9.84 -6.37
C VAL A 35 19.45 9.09 -6.62
N VAL A 36 18.66 9.59 -7.55
CA VAL A 36 17.53 8.83 -8.07
C VAL A 36 18.04 7.82 -9.09
N PHE A 37 17.56 6.58 -9.01
CA PHE A 37 17.87 5.56 -9.99
C PHE A 37 16.72 5.55 -11.01
N ASP A 38 17.05 5.91 -12.26
CA ASP A 38 16.06 6.42 -13.20
C ASP A 38 16.04 5.66 -14.52
N THR A 39 15.03 4.82 -14.70
CA THR A 39 14.93 4.05 -15.94
C THR A 39 14.51 4.91 -17.14
N GLY A 40 14.05 6.13 -16.90
CA GLY A 40 13.68 7.05 -17.95
C GLY A 40 14.80 7.90 -18.50
N SER A 41 16.04 7.64 -18.07
CA SER A 41 17.24 8.35 -18.59
C SER A 41 18.44 7.41 -18.54
N SER A 42 19.52 7.78 -19.22
CA SER A 42 20.66 6.88 -19.41
C SER A 42 21.99 7.45 -18.94
N ASN A 43 22.00 8.67 -18.40
CA ASN A 43 23.25 9.31 -17.92
C ASN A 43 23.33 9.38 -16.42
N VAL A 44 24.56 9.37 -15.91
CA VAL A 44 24.84 9.65 -14.51
C VAL A 44 25.29 11.10 -14.44
N TRP A 45 24.75 11.86 -13.49
CA TRP A 45 25.31 13.17 -13.12
C TRP A 45 25.14 13.48 -11.64
N VAL A 46 26.02 14.33 -11.14
CA VAL A 46 25.92 14.92 -9.82
C VAL A 46 26.33 16.39 -9.95
N PRO A 47 25.91 17.24 -8.98
CA PRO A 47 26.41 18.61 -9.00
C PRO A 47 27.94 18.68 -8.86
N SER A 48 28.52 19.72 -9.46
CA SER A 48 29.96 19.92 -9.48
C SER A 48 30.37 21.05 -8.55
N SER A 49 31.55 20.92 -7.96
CA SER A 49 32.18 22.02 -7.24
C SER A 49 32.41 23.24 -8.16
N LYS A 50 32.45 23.01 -9.48
CA LYS A 50 32.60 24.10 -10.45
C LYS A 50 31.29 24.83 -10.72
N CYS A 51 30.22 24.39 -10.08
CA CYS A 51 28.93 25.05 -10.23
C CYS A 51 28.95 26.37 -9.47
N SER A 52 28.69 27.46 -10.21
CA SER A 52 28.64 28.78 -9.60
C SER A 52 27.61 28.78 -8.48
N ARG A 53 28.00 29.34 -7.34
CA ARG A 53 27.12 29.41 -6.19
C ARG A 53 25.99 30.43 -6.35
N LEU A 54 25.99 31.20 -7.44
CA LEU A 54 24.78 31.92 -7.91
C LEU A 54 23.66 30.97 -8.30
N TYR A 55 23.99 29.72 -8.61
CA TYR A 55 22.98 28.65 -8.63
C TYR A 55 22.73 28.21 -7.20
N THR A 56 21.63 28.66 -6.63
CA THR A 56 21.31 28.34 -5.23
C THR A 56 21.16 26.83 -5.01
N ALA A 57 20.67 26.09 -6.00
CA ALA A 57 20.63 24.63 -5.91
C ALA A 57 22.01 24.01 -5.66
N CYS A 58 23.07 24.65 -6.13
CA CYS A 58 24.43 24.19 -5.84
C CYS A 58 24.91 24.54 -4.43
N VAL A 59 24.33 25.58 -3.82
CA VAL A 59 24.60 25.87 -2.42
C VAL A 59 23.96 24.80 -1.51
N TYR A 60 22.83 24.24 -1.94
CA TYR A 60 22.03 23.35 -1.11
C TYR A 60 22.23 21.85 -1.37
N HIS A 61 23.12 21.48 -2.28
CA HIS A 61 23.38 20.07 -2.57
C HIS A 61 24.84 19.71 -2.41
N LYS A 62 25.12 18.42 -2.29
CA LYS A 62 26.49 17.93 -2.29
C LYS A 62 27.12 18.15 -3.67
N LEU A 63 28.36 18.64 -3.68
CA LEU A 63 29.09 18.95 -4.91
C LEU A 63 30.32 18.06 -5.06
N PHE A 64 30.49 17.47 -6.24
CA PHE A 64 31.66 16.66 -6.54
C PHE A 64 32.86 17.56 -6.77
N ASP A 65 33.94 17.29 -6.04
CA ASP A 65 35.16 18.06 -6.22
C ASP A 65 36.27 17.12 -6.74
N ALA A 66 36.50 17.18 -8.06
CA ALA A 66 37.55 16.42 -8.73
C ALA A 66 38.91 16.64 -8.08
N SER A 67 39.15 17.85 -7.57
CA SER A 67 40.44 18.17 -6.94
C SER A 67 40.70 17.45 -5.61
N ASP A 68 39.69 16.75 -5.09
CA ASP A 68 39.88 15.92 -3.91
C ASP A 68 39.88 14.43 -4.24
N SER A 69 39.84 14.07 -5.53
CA SER A 69 39.82 12.66 -5.91
C SER A 69 41.06 12.28 -6.71
N SER A 70 41.83 11.34 -6.19
CA SER A 70 43.02 10.83 -6.86
C SER A 70 42.73 9.91 -8.06
N SER A 71 41.52 9.39 -8.17
CA SER A 71 41.15 8.43 -9.22
C SER A 71 40.38 9.09 -10.36
N TYR A 72 40.17 10.40 -10.22
CA TYR A 72 39.53 11.21 -11.26
C TYR A 72 40.33 11.23 -12.54
N LYS A 73 39.61 11.14 -13.66
CA LYS A 73 40.17 11.29 -14.99
C LYS A 73 39.33 12.31 -15.76
N HIS A 74 40.01 13.37 -16.20
CA HIS A 74 39.39 14.51 -16.87
C HIS A 74 38.83 14.10 -18.22
N ASN A 75 37.72 14.70 -18.61
CA ASN A 75 37.26 14.60 -20.00
C ASN A 75 36.89 15.97 -20.55
N GLY A 76 35.84 16.59 -20.01
CA GLY A 76 35.52 17.99 -20.30
C GLY A 76 34.48 18.23 -21.37
N THR A 77 34.05 17.16 -22.04
CA THR A 77 33.02 17.28 -23.08
C THR A 77 31.73 17.85 -22.47
N GLU A 78 31.22 18.91 -23.09
CA GLU A 78 30.00 19.54 -22.59
C GLU A 78 28.80 18.63 -22.74
N LEU A 79 27.89 18.68 -21.78
CA LEU A 79 26.64 18.00 -21.96
C LEU A 79 25.47 18.66 -21.26
N THR A 80 24.30 18.49 -21.85
CA THR A 80 23.05 19.00 -21.35
C THR A 80 22.09 17.84 -21.33
N LEU A 81 21.37 17.73 -20.21
CA LEU A 81 20.46 16.64 -19.93
C LEU A 81 19.08 17.23 -19.70
N ARG A 82 18.14 16.88 -20.54
CA ARG A 82 16.80 17.45 -20.50
C ARG A 82 15.81 16.43 -19.98
N TYR A 83 15.18 16.75 -18.86
CA TYR A 83 14.11 15.94 -18.29
C TYR A 83 12.79 16.67 -18.48
N SER A 84 11.69 15.95 -18.26
CA SER A 84 10.38 16.52 -18.48
C SER A 84 10.09 17.71 -17.56
N THR A 85 10.75 17.73 -16.39
CA THR A 85 10.50 18.77 -15.38
C THR A 85 11.69 19.73 -15.17
N GLY A 86 12.76 19.54 -15.94
CA GLY A 86 13.89 20.46 -15.86
C GLY A 86 15.13 19.96 -16.56
N THR A 87 16.13 20.83 -16.62
CA THR A 87 17.34 20.59 -17.39
C THR A 87 18.56 20.88 -16.54
N VAL A 88 19.61 20.11 -16.74
CA VAL A 88 20.90 20.41 -16.15
C VAL A 88 21.94 20.41 -17.26
N SER A 89 23.01 21.15 -17.02
CA SER A 89 24.12 21.24 -17.96
C SER A 89 25.46 21.20 -17.22
N GLY A 90 26.46 20.65 -17.90
CA GLY A 90 27.78 20.56 -17.32
C GLY A 90 28.76 19.91 -18.25
N PHE A 91 29.67 19.12 -17.69
CA PHE A 91 30.72 18.48 -18.49
C PHE A 91 31.00 17.07 -17.98
N LEU A 92 31.59 16.28 -18.86
CA LEU A 92 31.87 14.87 -18.57
C LEU A 92 33.15 14.68 -17.75
N SER A 93 33.09 13.73 -16.82
CA SER A 93 34.26 13.33 -16.05
C SER A 93 34.20 11.82 -15.88
N GLN A 94 35.32 11.23 -15.48
CA GLN A 94 35.36 9.83 -15.14
C GLN A 94 35.92 9.67 -13.73
N ASP A 95 35.36 8.74 -12.97
CA ASP A 95 35.92 8.38 -11.68
C ASP A 95 35.37 7.03 -11.28
N ILE A 96 35.79 6.54 -10.11
CA ILE A 96 35.31 5.29 -9.57
C ILE A 96 34.00 5.54 -8.85
N ILE A 97 32.99 4.75 -9.15
CA ILE A 97 31.69 4.90 -8.49
C ILE A 97 31.31 3.62 -7.77
N THR A 98 30.93 3.75 -6.50
CA THR A 98 30.47 2.60 -5.72
C THR A 98 28.95 2.66 -5.57
N VAL A 99 28.29 1.58 -5.97
CA VAL A 99 26.84 1.40 -5.85
C VAL A 99 26.61 0.04 -5.22
N GLY A 100 26.06 0.03 -4.02
CA GLY A 100 25.81 -1.21 -3.28
C GLY A 100 27.00 -2.14 -3.18
N GLY A 101 28.20 -1.58 -2.98
CA GLY A 101 29.39 -2.43 -2.85
C GLY A 101 29.98 -2.93 -4.17
N ILE A 102 29.27 -2.72 -5.27
CA ILE A 102 29.88 -2.81 -6.61
C ILE A 102 30.70 -1.56 -6.84
N THR A 103 31.94 -1.72 -7.28
CA THR A 103 32.77 -0.58 -7.68
C THR A 103 32.94 -0.64 -9.18
N VAL A 104 32.68 0.49 -9.84
CA VAL A 104 32.75 0.56 -11.29
C VAL A 104 33.30 1.91 -11.76
N THR A 105 34.21 1.85 -12.74
CA THR A 105 34.77 3.03 -13.38
C THR A 105 33.73 3.57 -14.40
N GLN A 106 33.35 4.82 -14.22
CA GLN A 106 32.15 5.37 -14.87
C GLN A 106 32.34 6.80 -15.31
N MET A 107 31.82 7.12 -16.49
CA MET A 107 31.75 8.50 -16.94
C MET A 107 30.43 9.10 -16.51
N PHE A 108 30.51 10.33 -15.99
CA PHE A 108 29.33 10.97 -15.44
C PHE A 108 29.42 12.46 -15.70
N GLY A 109 28.29 13.13 -15.55
CA GLY A 109 28.22 14.57 -15.71
C GLY A 109 28.52 15.30 -14.42
N GLU A 110 29.46 16.25 -14.48
CA GLU A 110 29.64 17.22 -13.42
C GLU A 110 28.77 18.43 -13.81
N VAL A 111 27.68 18.63 -13.08
CA VAL A 111 26.70 19.65 -13.45
C VAL A 111 27.13 21.00 -12.85
N THR A 112 27.22 22.01 -13.73
CA THR A 112 27.62 23.34 -13.36
C THR A 112 26.49 24.36 -13.53
N GLU A 113 25.37 23.89 -14.09
CA GLU A 113 24.19 24.73 -14.30
C GLU A 113 22.98 23.92 -13.87
N MET A 114 22.39 24.38 -12.76
CA MET A 114 21.42 23.62 -12.01
C MET A 114 20.30 24.53 -11.54
N PRO A 115 19.22 24.67 -12.34
CA PRO A 115 18.15 25.63 -12.10
C PRO A 115 17.45 25.46 -10.74
N ALA A 116 17.32 26.57 -10.03
CA ALA A 116 16.71 26.57 -8.70
C ALA A 116 15.32 25.95 -8.73
N LEU A 117 14.56 26.26 -9.78
CA LEU A 117 13.33 25.56 -10.06
C LEU A 117 13.65 24.64 -11.22
N PRO A 118 13.57 23.32 -11.02
CA PRO A 118 13.06 22.55 -9.88
C PRO A 118 14.06 22.10 -8.80
N PHE A 119 15.36 22.29 -9.00
CA PHE A 119 16.33 21.58 -8.14
C PHE A 119 16.44 22.00 -6.69
N MET A 120 15.98 23.20 -6.35
CA MET A 120 15.84 23.56 -4.93
C MET A 120 14.76 22.74 -4.24
N LEU A 121 13.92 22.03 -5.00
CA LEU A 121 12.88 21.21 -4.42
C LEU A 121 13.26 19.73 -4.42
N ALA A 122 14.49 19.43 -4.85
CA ALA A 122 15.03 18.07 -4.93
C ALA A 122 15.82 17.73 -3.68
N GLU A 123 15.41 16.68 -2.98
CA GLU A 123 16.17 16.17 -1.81
C GLU A 123 17.41 15.42 -2.29
N PHE A 124 17.29 14.82 -3.46
CA PHE A 124 18.41 14.14 -4.09
C PHE A 124 19.40 15.15 -4.68
N ASP A 125 20.67 14.72 -4.81
CA ASP A 125 21.74 15.51 -5.42
C ASP A 125 21.80 15.35 -6.92
N GLY A 126 21.74 14.10 -7.39
CA GLY A 126 21.87 13.79 -8.79
C GLY A 126 21.07 12.57 -9.21
N VAL A 127 21.46 12.00 -10.33
CA VAL A 127 20.70 10.96 -11.01
C VAL A 127 21.63 9.88 -11.56
N VAL A 128 21.20 8.63 -11.44
CA VAL A 128 21.84 7.49 -12.05
C VAL A 128 20.84 6.91 -13.06
N GLY A 129 21.08 7.18 -14.34
CA GLY A 129 20.21 6.70 -15.37
C GLY A 129 20.38 5.21 -15.59
N MET A 130 19.25 4.50 -15.58
CA MET A 130 19.22 3.05 -15.70
C MET A 130 18.65 2.66 -17.06
N GLY A 131 18.57 3.64 -17.97
CA GLY A 131 18.17 3.43 -19.33
C GLY A 131 19.31 2.90 -20.19
N PHE A 132 19.00 2.70 -21.47
CA PHE A 132 19.90 2.05 -22.42
C PHE A 132 20.86 3.06 -23.05
N ILE A 133 21.98 2.55 -23.55
CA ILE A 133 22.99 3.39 -24.19
C ILE A 133 22.43 4.15 -25.40
N GLU A 134 21.47 3.54 -26.10
CA GLU A 134 20.77 4.20 -27.20
C GLU A 134 20.26 5.59 -26.84
N GLN A 135 19.91 5.83 -25.58
CA GLN A 135 19.38 7.14 -25.16
C GLN A 135 20.35 7.97 -24.32
N ALA A 136 21.60 7.54 -24.25
CA ALA A 136 22.63 8.23 -23.47
C ALA A 136 23.08 9.48 -24.22
N ILE A 137 23.05 10.62 -23.54
CA ILE A 137 23.52 11.86 -24.13
C ILE A 137 25.03 11.76 -24.21
N GLY A 138 25.60 12.11 -25.36
CA GLY A 138 27.04 12.01 -25.59
C GLY A 138 27.51 10.59 -25.85
N ARG A 139 26.56 9.67 -26.05
CA ARG A 139 26.81 8.23 -26.18
C ARG A 139 27.67 7.64 -25.06
N VAL A 140 27.52 8.16 -23.85
CA VAL A 140 28.29 7.71 -22.71
C VAL A 140 27.76 6.34 -22.28
N THR A 141 28.66 5.38 -22.05
CA THR A 141 28.22 4.06 -21.59
C THR A 141 27.54 4.15 -20.22
N PRO A 142 26.27 3.70 -20.14
CA PRO A 142 25.57 3.73 -18.87
C PRO A 142 26.16 2.81 -17.80
N ILE A 143 25.92 3.20 -16.55
CA ILE A 143 26.49 2.46 -15.41
C ILE A 143 26.15 0.96 -15.41
N PHE A 144 24.91 0.58 -15.71
CA PHE A 144 24.53 -0.83 -15.63
C PHE A 144 25.29 -1.65 -16.69
N ASP A 145 25.50 -1.07 -17.87
CA ASP A 145 26.28 -1.68 -18.93
C ASP A 145 27.70 -1.96 -18.45
N ASN A 146 28.29 -0.95 -17.80
CA ASN A 146 29.63 -1.07 -17.27
C ASN A 146 29.69 -2.11 -16.16
N ILE A 147 28.62 -2.24 -15.37
CA ILE A 147 28.57 -3.28 -14.34
C ILE A 147 28.40 -4.68 -14.96
N ILE A 148 27.49 -4.82 -15.92
CA ILE A 148 27.36 -6.06 -16.70
C ILE A 148 28.71 -6.51 -17.28
N SER A 149 29.50 -5.57 -17.77
CA SER A 149 30.80 -5.88 -18.40
C SER A 149 31.78 -6.55 -17.43
N GLN A 150 31.57 -6.37 -16.13
CA GLN A 150 32.42 -6.99 -15.11
C GLN A 150 32.14 -8.49 -14.89
N GLY A 151 31.00 -8.98 -15.35
CA GLY A 151 30.66 -10.41 -15.23
C GLY A 151 30.53 -10.92 -13.80
N VAL A 152 30.03 -10.07 -12.91
CA VAL A 152 29.83 -10.44 -11.51
C VAL A 152 28.36 -10.69 -11.19
N LEU A 153 27.46 -10.02 -11.91
CA LEU A 153 26.03 -10.13 -11.64
C LEU A 153 25.48 -11.50 -12.03
N LYS A 154 24.55 -11.98 -11.22
CA LYS A 154 23.93 -13.30 -11.42
C LYS A 154 22.99 -13.32 -12.64
N GLU A 155 22.24 -12.23 -12.82
CA GLU A 155 21.41 -12.04 -14.00
C GLU A 155 21.61 -10.63 -14.54
N ASP A 156 21.36 -10.45 -15.83
CA ASP A 156 21.44 -9.12 -16.43
CA ASP A 156 21.42 -9.15 -16.51
C ASP A 156 20.07 -8.45 -16.31
N VAL A 157 19.68 -8.25 -15.06
CA VAL A 157 18.42 -7.62 -14.70
C VAL A 157 18.63 -6.74 -13.45
N PHE A 158 17.75 -5.78 -13.24
CA PHE A 158 17.67 -5.06 -11.97
C PHE A 158 16.21 -4.81 -11.63
N SER A 159 15.93 -4.68 -10.34
CA SER A 159 14.57 -4.65 -9.83
C SER A 159 14.37 -3.49 -8.88
N PHE A 160 13.13 -2.98 -8.84
CA PHE A 160 12.73 -1.86 -7.98
C PHE A 160 11.61 -2.17 -7.01
N TYR A 161 11.81 -1.79 -5.76
CA TYR A 161 10.77 -1.78 -4.77
C TYR A 161 10.67 -0.35 -4.27
N TYR A 162 9.47 0.21 -4.33
CA TYR A 162 9.17 1.52 -3.76
C TYR A 162 8.11 1.35 -2.69
N ASN A 163 8.47 1.65 -1.44
CA ASN A 163 7.56 1.54 -0.31
C ASN A 163 6.62 2.74 -0.27
N ARG A 164 5.50 2.55 0.43
CA ARG A 164 4.68 3.64 0.88
C ARG A 164 5.46 4.50 1.87
N ASP A 165 5.06 5.77 2.01
CA ASP A 165 5.71 6.70 2.92
C ASP A 165 5.49 6.22 4.37
N SER A 166 6.24 6.75 5.32
CA SER A 166 6.09 6.30 6.71
C SER A 166 6.57 7.36 7.69
N GLU A 167 5.96 7.39 8.88
CA GLU A 167 6.37 8.29 9.96
C GLU A 167 7.44 7.59 10.81
N ASN A 168 7.57 6.28 10.64
CA ASN A 168 8.54 5.48 11.34
C ASN A 168 9.90 5.56 10.65
N SER A 169 10.96 5.67 11.45
CA SER A 169 12.33 5.70 10.93
C SER A 169 12.78 4.33 10.45
N GLN A 170 12.17 3.28 11.02
CA GLN A 170 12.55 1.90 10.75
C GLN A 170 11.96 1.30 9.48
N SER A 171 11.15 2.07 8.76
CA SER A 171 10.61 1.63 7.47
C SER A 171 11.64 1.84 6.36
N LEU A 172 11.85 0.83 5.50
CA LEU A 172 12.73 1.04 4.35
C LEU A 172 11.94 1.75 3.27
N GLY A 173 12.50 2.84 2.77
CA GLY A 173 11.82 3.65 1.75
C GLY A 173 11.68 2.92 0.43
N GLY A 174 12.67 2.08 0.13
CA GLY A 174 12.66 1.28 -1.08
C GLY A 174 13.97 0.54 -1.24
N GLN A 175 14.13 -0.09 -2.38
CA GLN A 175 15.25 -0.97 -2.63
C GLN A 175 15.38 -1.24 -4.11
N ILE A 176 16.60 -1.08 -4.62
CA ILE A 176 16.95 -1.56 -5.96
C ILE A 176 17.89 -2.75 -5.76
N VAL A 177 17.63 -3.82 -6.52
CA VAL A 177 18.49 -5.00 -6.52
C VAL A 177 19.12 -5.05 -7.91
N LEU A 178 20.45 -5.03 -7.94
CA LEU A 178 21.21 -5.20 -9.16
C LEU A 178 21.55 -6.66 -9.32
N GLY A 179 21.13 -7.23 -10.44
CA GLY A 179 21.43 -8.63 -10.75
C GLY A 179 20.35 -9.64 -10.38
N GLY A 180 19.17 -9.16 -9.97
CA GLY A 180 18.08 -10.05 -9.60
C GLY A 180 16.89 -9.32 -9.02
N SER A 181 16.06 -10.05 -8.28
CA SER A 181 14.88 -9.50 -7.61
C SER A 181 14.83 -10.03 -6.19
N ASP A 182 14.23 -9.26 -5.28
CA ASP A 182 14.10 -9.65 -3.87
C ASP A 182 12.70 -10.19 -3.58
N PRO A 183 12.58 -11.53 -3.43
CA PRO A 183 11.27 -12.15 -3.20
C PRO A 183 10.60 -11.75 -1.87
N GLN A 184 11.34 -11.09 -0.99
CA GLN A 184 10.76 -10.52 0.22
C GLN A 184 9.80 -9.36 -0.08
N HIS A 185 9.97 -8.73 -1.23
CA HIS A 185 9.15 -7.57 -1.57
C HIS A 185 8.17 -7.77 -2.71
N TYR A 186 7.94 -9.02 -3.10
CA TYR A 186 6.85 -9.32 -4.01
C TYR A 186 6.24 -10.67 -3.70
N GLU A 187 5.04 -10.87 -4.23
CA GLU A 187 4.35 -12.14 -4.06
C GLU A 187 3.59 -12.48 -5.33
N GLY A 188 3.21 -13.74 -5.45
CA GLY A 188 2.73 -14.27 -6.71
C GLY A 188 3.89 -14.32 -7.70
N ASN A 189 3.53 -14.45 -8.98
CA ASN A 189 4.51 -14.64 -10.05
C ASN A 189 4.71 -13.37 -10.83
N PHE A 190 5.91 -13.19 -11.36
CA PHE A 190 6.15 -12.08 -12.28
C PHE A 190 5.34 -12.34 -13.53
N HIS A 191 4.74 -11.28 -14.07
CA HIS A 191 4.17 -11.34 -15.40
C HIS A 191 4.93 -10.34 -16.27
N TYR A 192 5.37 -10.82 -17.44
CA TYR A 192 6.32 -10.09 -18.28
C TYR A 192 5.68 -9.53 -19.55
N ILE A 193 6.15 -8.34 -19.94
CA ILE A 193 5.76 -7.71 -21.20
C ILE A 193 7.05 -7.37 -21.94
N ASN A 194 7.16 -7.78 -23.20
CA ASN A 194 8.35 -7.49 -24.01
C ASN A 194 8.44 -5.99 -24.33
N LEU A 195 9.66 -5.48 -24.42
CA LEU A 195 9.87 -4.10 -24.86
C LEU A 195 9.44 -3.98 -26.31
N ILE A 196 8.76 -2.89 -26.66
CA ILE A 196 8.47 -2.58 -28.05
C ILE A 196 9.77 -2.64 -28.84
N LYS A 197 10.83 -2.14 -28.22
CA LYS A 197 12.13 -2.07 -28.85
C LYS A 197 13.21 -1.88 -27.78
N THR A 198 14.36 -2.55 -27.96
CA THR A 198 15.52 -2.31 -27.09
C THR A 198 15.98 -0.86 -27.26
N GLY A 199 16.49 -0.26 -26.19
CA GLY A 199 16.89 1.15 -26.20
C GLY A 199 15.99 2.03 -25.35
N VAL A 200 14.77 1.55 -25.06
CA VAL A 200 13.81 2.29 -24.23
C VAL A 200 13.04 1.31 -23.35
N TRP A 201 12.88 1.64 -22.07
CA TRP A 201 12.09 0.81 -21.13
C TRP A 201 10.60 1.11 -21.32
N GLN A 202 10.10 0.74 -22.49
CA GLN A 202 8.76 1.10 -22.92
C GLN A 202 8.08 -0.12 -23.52
N ILE A 203 6.83 -0.31 -23.12
CA ILE A 203 6.03 -1.48 -23.52
C ILE A 203 4.69 -1.04 -24.11
N GLN A 204 4.03 -1.98 -24.79
CA GLN A 204 2.70 -1.74 -25.31
C GLN A 204 1.70 -1.78 -24.16
N MET A 205 0.73 -0.88 -24.20
CA MET A 205 -0.40 -0.90 -23.28
C MET A 205 -1.66 -1.08 -24.12
N LYS A 206 -2.54 -1.96 -23.67
CA LYS A 206 -3.71 -2.37 -24.44
C LYS A 206 -4.94 -1.57 -24.11
N GLY A 207 -4.95 -0.91 -22.95
CA GLY A 207 -6.05 -0.04 -22.58
C GLY A 207 -5.92 0.53 -21.18
N VAL A 208 -6.71 1.56 -20.90
CA VAL A 208 -6.77 2.18 -19.60
C VAL A 208 -8.25 2.34 -19.29
N SER A 209 -8.69 1.79 -18.16
CA SER A 209 -10.09 1.87 -17.78
C SER A 209 -10.24 2.60 -16.45
N VAL A 210 -11.29 3.40 -16.36
CA VAL A 210 -11.59 4.21 -15.19
C VAL A 210 -12.95 3.79 -14.68
N GLY A 211 -12.97 3.05 -13.57
CA GLY A 211 -14.20 2.45 -13.08
C GLY A 211 -14.65 1.39 -14.09
N SER A 212 -15.94 1.40 -14.41
CA SER A 212 -16.48 0.44 -15.37
C SER A 212 -16.59 1.06 -16.77
N SER A 213 -15.45 1.49 -17.31
CA SER A 213 -15.37 1.97 -18.70
C SER A 213 -13.92 2.06 -19.19
N THR A 214 -13.58 1.20 -20.16
CA THR A 214 -12.34 1.38 -20.92
C THR A 214 -12.52 2.62 -21.79
N LEU A 215 -12.38 3.79 -21.18
CA LEU A 215 -12.60 5.04 -21.89
C LEU A 215 -11.34 5.56 -22.57
N LEU A 216 -10.18 4.97 -22.26
CA LEU A 216 -8.90 5.47 -22.80
C LEU A 216 -8.03 4.37 -23.41
N CYS A 217 -7.09 4.79 -24.25
CA CYS A 217 -6.14 3.87 -24.91
C CYS A 217 -6.87 2.69 -25.57
N GLU A 218 -8.05 2.98 -26.14
CA GLU A 218 -8.93 1.90 -26.60
C GLU A 218 -8.32 1.13 -27.76
N ASP A 219 -7.48 1.79 -28.54
CA ASP A 219 -6.86 1.15 -29.71
C ASP A 219 -5.37 0.88 -29.49
N GLY A 220 -4.96 0.80 -28.23
CA GLY A 220 -3.56 0.57 -27.89
C GLY A 220 -2.78 1.85 -27.73
N CYS A 221 -1.70 1.79 -26.94
CA CYS A 221 -0.86 2.95 -26.68
C CYS A 221 0.46 2.48 -26.07
N LEU A 222 1.31 3.44 -25.68
CA LEU A 222 2.62 3.15 -25.12
C LEU A 222 2.68 3.48 -23.64
N ALA A 223 3.46 2.70 -22.89
CA ALA A 223 3.75 2.94 -21.48
C ALA A 223 5.25 2.87 -21.23
N LEU A 224 5.86 4.02 -20.91
CA LEU A 224 7.24 4.03 -20.42
C LEU A 224 7.20 3.66 -18.92
N VAL A 225 8.03 2.70 -18.53
CA VAL A 225 8.13 2.30 -17.13
C VAL A 225 9.30 3.08 -16.56
N ASP A 226 8.97 4.13 -15.81
CA ASP A 226 9.90 5.19 -15.47
C ASP A 226 10.08 5.35 -13.98
N THR A 227 11.15 4.76 -13.45
CA THR A 227 11.42 4.79 -12.03
C THR A 227 11.83 6.21 -11.57
N GLY A 228 12.15 7.10 -12.52
CA GLY A 228 12.51 8.49 -12.20
C GLY A 228 11.33 9.44 -12.16
N ALA A 229 10.14 8.96 -12.52
CA ALA A 229 8.89 9.74 -12.54
C ALA A 229 8.09 9.51 -11.25
N SER A 230 7.68 10.59 -10.59
CA SER A 230 6.90 10.49 -9.36
C SER A 230 5.51 9.88 -9.62
N TYR A 231 4.96 10.17 -10.78
CA TYR A 231 3.54 9.91 -11.02
C TYR A 231 3.32 8.98 -12.21
N ILE A 232 2.07 8.55 -12.35
CA ILE A 232 1.58 8.07 -13.61
C ILE A 232 1.29 9.33 -14.44
N SER A 233 1.72 9.32 -15.68
CA SER A 233 1.36 10.39 -16.61
C SER A 233 0.80 9.86 -17.93
N GLY A 234 0.00 10.70 -18.57
CA GLY A 234 -0.44 10.50 -19.94
C GLY A 234 -0.38 11.83 -20.65
N SER A 235 -0.68 11.80 -21.95
CA SER A 235 -0.80 13.02 -22.74
C SER A 235 -1.87 13.94 -22.16
N THR A 236 -1.72 15.23 -22.44
CA THR A 236 -2.68 16.23 -21.95
C THR A 236 -4.09 15.82 -22.32
N SER A 237 -4.28 15.32 -23.54
CA SER A 237 -5.62 15.01 -24.02
C SER A 237 -6.21 13.77 -23.32
N SER A 238 -5.39 12.75 -23.10
CA SER A 238 -5.80 11.56 -22.34
C SER A 238 -6.13 11.89 -20.89
N ILE A 239 -5.33 12.77 -20.28
CA ILE A 239 -5.48 13.10 -18.86
C ILE A 239 -6.68 14.04 -18.63
N GLU A 240 -6.95 14.93 -19.58
CA GLU A 240 -8.19 15.71 -19.54
C GLU A 240 -9.42 14.79 -19.45
N LYS A 241 -9.44 13.77 -20.31
CA LYS A 241 -10.55 12.81 -20.32
C LYS A 241 -10.57 11.97 -19.04
N LEU A 242 -9.39 11.58 -18.58
CA LEU A 242 -9.29 10.77 -17.37
C LEU A 242 -9.83 11.54 -16.18
N MET A 243 -9.42 12.79 -16.07
CA MET A 243 -9.79 13.66 -14.95
C MET A 243 -11.25 14.12 -14.99
N GLU A 244 -11.80 14.29 -16.20
CA GLU A 244 -13.23 14.53 -16.39
C GLU A 244 -14.00 13.41 -15.73
N ALA A 245 -13.59 12.17 -16.01
CA ALA A 245 -14.24 10.99 -15.44
C ALA A 245 -14.13 10.90 -13.91
N LEU A 246 -13.05 11.41 -13.35
CA LEU A 246 -12.84 11.44 -11.90
C LEU A 246 -13.51 12.63 -11.21
N GLY A 247 -13.95 13.61 -12.00
CA GLY A 247 -14.46 14.85 -11.47
C GLY A 247 -13.37 15.72 -10.86
N ALA A 248 -12.13 15.56 -11.34
CA ALA A 248 -10.99 16.31 -10.78
C ALA A 248 -10.87 17.70 -11.42
N LYS A 249 -10.35 18.66 -10.66
CA LYS A 249 -10.18 20.04 -11.14
C LYS A 249 -8.70 20.26 -11.47
N LYS A 250 -8.44 20.93 -12.58
CA LYS A 250 -7.06 21.16 -13.01
C LYS A 250 -6.51 22.40 -12.33
N ARG A 251 -5.28 22.30 -11.87
CA ARG A 251 -4.56 23.42 -11.35
C ARG A 251 -3.30 23.56 -12.19
N LEU A 252 -2.46 24.54 -11.86
CA LEU A 252 -1.27 24.82 -12.66
C LEU A 252 -0.44 23.56 -12.95
N PHE A 253 -0.07 22.85 -11.88
CA PHE A 253 0.85 21.72 -11.99
C PHE A 253 0.23 20.36 -11.71
N ASP A 254 -1.03 20.34 -11.32
CA ASP A 254 -1.63 19.09 -10.84
C ASP A 254 -3.14 19.10 -10.98
N TYR A 255 -3.76 17.98 -10.63
CA TYR A 255 -5.20 17.86 -10.53
C TYR A 255 -5.56 17.54 -9.08
N VAL A 256 -6.67 18.09 -8.63
CA VAL A 256 -7.15 17.88 -7.28
C VAL A 256 -8.62 17.49 -7.28
N VAL A 257 -9.01 16.80 -6.22
CA VAL A 257 -10.40 16.63 -5.88
C VAL A 257 -10.59 17.18 -4.48
N LYS A 258 -11.84 17.43 -4.14
CA LYS A 258 -12.17 17.73 -2.75
C LYS A 258 -11.82 16.49 -1.92
N CYS A 259 -11.19 16.71 -0.78
CA CYS A 259 -10.62 15.61 -0.01
C CYS A 259 -11.66 14.60 0.46
N ASN A 260 -12.87 15.06 0.78
CA ASN A 260 -13.98 14.17 1.16
C ASN A 260 -14.37 13.19 0.05
N GLU A 261 -14.17 13.57 -1.21
CA GLU A 261 -14.49 12.74 -2.37
C GLU A 261 -13.40 11.74 -2.73
N GLY A 262 -12.19 11.91 -2.19
CA GLY A 262 -11.06 11.06 -2.51
C GLY A 262 -11.30 9.57 -2.36
N PRO A 263 -11.74 9.13 -1.16
CA PRO A 263 -11.89 7.70 -0.88
C PRO A 263 -12.86 6.93 -1.78
N THR A 264 -13.83 7.61 -2.40
CA THR A 264 -14.82 6.96 -3.24
C THR A 264 -14.60 7.16 -4.75
N LEU A 265 -13.45 7.70 -5.14
CA LEU A 265 -13.07 7.76 -6.55
C LEU A 265 -12.89 6.33 -7.09
N PRO A 266 -13.15 6.13 -8.39
CA PRO A 266 -13.12 4.79 -8.95
C PRO A 266 -11.72 4.23 -9.13
N ASP A 267 -11.63 2.91 -9.28
CA ASP A 267 -10.39 2.25 -9.63
C ASP A 267 -9.93 2.72 -11.01
N ILE A 268 -8.64 2.63 -11.24
CA ILE A 268 -8.05 2.83 -12.56
C ILE A 268 -7.16 1.62 -12.87
N SER A 269 -7.35 1.05 -14.06
CA SER A 269 -6.67 -0.18 -14.47
C SER A 269 -5.87 0.08 -15.74
N PHE A 270 -4.71 -0.57 -15.83
CA PHE A 270 -3.84 -0.48 -16.98
C PHE A 270 -3.65 -1.90 -17.51
N HIS A 271 -4.01 -2.09 -18.77
CA HIS A 271 -3.98 -3.41 -19.38
C HIS A 271 -2.61 -3.57 -20.01
N LEU A 272 -1.77 -4.39 -19.39
CA LEU A 272 -0.41 -4.63 -19.84
C LEU A 272 -0.15 -6.12 -20.00
N GLY A 273 0.12 -6.55 -21.23
CA GLY A 273 0.52 -7.93 -21.51
C GLY A 273 -0.44 -9.02 -21.06
N GLY A 274 -1.74 -8.82 -21.22
CA GLY A 274 -2.68 -9.85 -20.79
C GLY A 274 -3.00 -9.91 -19.30
N LYS A 275 -2.55 -8.92 -18.53
CA LYS A 275 -3.00 -8.73 -17.13
C LYS A 275 -3.53 -7.30 -16.94
N GLU A 276 -4.54 -7.14 -16.09
CA GLU A 276 -4.99 -5.81 -15.69
C GLU A 276 -4.29 -5.41 -14.40
N TYR A 277 -3.77 -4.19 -14.37
CA TYR A 277 -3.05 -3.65 -13.24
C TYR A 277 -3.90 -2.53 -12.67
N THR A 278 -4.47 -2.79 -11.50
CA THR A 278 -5.50 -1.93 -10.95
C THR A 278 -5.00 -1.19 -9.73
N LEU A 279 -5.23 0.13 -9.75
CA LEU A 279 -5.02 0.99 -8.60
C LEU A 279 -6.37 1.47 -8.09
N THR A 280 -6.51 1.49 -6.77
CA THR A 280 -7.68 2.09 -6.13
C THR A 280 -7.35 3.55 -5.82
N SER A 281 -8.36 4.33 -5.44
CA SER A 281 -8.15 5.73 -5.07
C SER A 281 -7.09 5.93 -4.00
N ALA A 282 -7.02 5.03 -3.01
CA ALA A 282 -5.96 5.11 -2.00
C ALA A 282 -4.57 4.99 -2.61
N ASP A 283 -4.45 4.32 -3.75
CA ASP A 283 -3.18 4.21 -4.45
C ASP A 283 -2.80 5.45 -5.25
N TYR A 284 -3.76 6.27 -5.70
CA TYR A 284 -3.42 7.46 -6.51
C TYR A 284 -3.87 8.82 -5.96
N VAL A 285 -4.50 8.83 -4.79
CA VAL A 285 -4.83 10.09 -4.12
C VAL A 285 -3.91 10.33 -2.95
N PHE A 286 -3.41 11.57 -2.85
CA PHE A 286 -2.69 12.01 -1.68
C PHE A 286 -3.74 12.45 -0.68
N GLN A 287 -4.21 11.49 0.10
CA GLN A 287 -5.34 11.67 1.00
C GLN A 287 -4.84 12.28 2.30
N GLU A 288 -4.89 13.60 2.40
CA GLU A 288 -4.24 14.35 3.48
C GLU A 288 -5.24 14.98 4.43
N SER A 289 -6.49 14.54 4.34
CA SER A 289 -7.63 15.13 5.03
C SER A 289 -8.86 14.49 4.45
N TYR A 290 -9.98 14.58 5.15
CA TYR A 290 -11.26 14.15 4.61
C TYR A 290 -12.26 15.33 4.50
N SER A 291 -11.74 16.57 4.55
CA SER A 291 -12.57 17.76 4.50
C SER A 291 -13.05 18.10 3.09
N SER A 292 -14.32 18.50 2.95
CA SER A 292 -14.80 19.10 1.69
C SER A 292 -14.18 20.46 1.41
N LYS A 293 -13.62 21.07 2.44
CA LYS A 293 -13.02 22.40 2.29
C LYS A 293 -11.56 22.35 1.85
N LYS A 294 -10.98 21.15 1.79
CA LYS A 294 -9.61 21.02 1.32
C LYS A 294 -9.53 20.25 0.00
N LEU A 295 -8.48 20.53 -0.74
CA LEU A 295 -8.23 19.92 -2.04
C LEU A 295 -7.10 18.89 -1.88
N CYS A 296 -7.30 17.71 -2.47
CA CYS A 296 -6.35 16.62 -2.35
C CYS A 296 -5.78 16.34 -3.73
N THR A 297 -4.45 16.28 -3.83
CA THR A 297 -3.77 16.09 -5.10
C THR A 297 -3.78 14.61 -5.53
N LEU A 298 -3.88 14.39 -6.84
CA LEU A 298 -3.77 13.09 -7.45
C LEU A 298 -2.35 12.85 -7.95
N ALA A 299 -1.89 11.61 -7.78
CA ALA A 299 -0.56 11.20 -8.20
C ALA A 299 -0.57 10.77 -9.69
N ILE A 300 -1.37 11.49 -10.49
CA ILE A 300 -1.53 11.29 -11.94
C ILE A 300 -1.52 12.69 -12.58
N HIS A 301 -0.61 12.87 -13.53
CA HIS A 301 -0.34 14.18 -14.13
C HIS A 301 -0.36 14.08 -15.65
N ALA A 302 -0.52 15.21 -16.32
CA ALA A 302 -0.40 15.31 -17.75
C ALA A 302 1.06 15.56 -18.06
N MET A 303 1.60 14.84 -19.04
CA MET A 303 2.99 15.06 -19.46
C MET A 303 3.09 14.64 -20.93
N ASP A 304 3.28 15.61 -21.79
CA ASP A 304 3.43 15.34 -23.21
C ASP A 304 4.90 15.06 -23.49
N ILE A 305 5.21 13.76 -23.60
CA ILE A 305 6.58 13.31 -23.81
C ILE A 305 6.82 13.38 -25.31
N PRO A 306 7.80 14.18 -25.74
CA PRO A 306 7.99 14.39 -27.17
C PRO A 306 8.57 13.16 -27.87
N PRO A 307 8.33 13.02 -29.18
CA PRO A 307 9.00 11.99 -29.97
C PRO A 307 10.54 12.06 -29.87
N PRO A 308 11.21 10.92 -30.13
CA PRO A 308 10.63 9.67 -30.63
C PRO A 308 10.04 8.74 -29.54
N THR A 309 10.37 8.97 -28.27
CA THR A 309 9.88 8.15 -27.15
C THR A 309 8.35 8.24 -26.99
N GLY A 310 7.83 9.46 -26.99
CA GLY A 310 6.38 9.68 -26.92
C GLY A 310 5.80 10.05 -28.27
N PRO A 311 4.47 10.30 -28.32
CA PRO A 311 3.51 10.30 -27.20
C PRO A 311 3.42 8.96 -26.47
N THR A 312 3.42 9.03 -25.15
CA THR A 312 3.39 7.84 -24.31
C THR A 312 2.84 8.14 -22.94
N TRP A 313 2.25 7.13 -22.30
CA TRP A 313 2.01 7.17 -20.87
C TRP A 313 3.36 6.89 -20.20
N ALA A 314 3.49 7.32 -18.96
CA ALA A 314 4.63 6.91 -18.14
C ALA A 314 4.09 6.30 -16.85
N LEU A 315 4.63 5.14 -16.48
CA LEU A 315 4.28 4.49 -15.22
C LEU A 315 5.41 4.68 -14.21
N GLY A 316 5.19 5.61 -13.27
CA GLY A 316 6.20 6.00 -12.29
C GLY A 316 5.90 5.47 -10.91
N ALA A 317 6.30 6.21 -9.90
CA ALA A 317 6.26 5.73 -8.50
C ALA A 317 4.86 5.33 -8.05
N THR A 318 3.85 6.07 -8.48
CA THR A 318 2.46 5.71 -8.18
C THR A 318 2.15 4.27 -8.55
N PHE A 319 2.67 3.83 -9.69
CA PHE A 319 2.45 2.46 -10.17
C PHE A 319 3.37 1.43 -9.48
N ILE A 320 4.64 1.78 -9.38
CA ILE A 320 5.66 0.89 -8.83
C ILE A 320 5.42 0.61 -7.35
N ARG A 321 4.85 1.57 -6.62
CA ARG A 321 4.50 1.31 -5.23
C ARG A 321 3.63 0.07 -5.13
N LYS A 322 2.71 -0.09 -6.08
CA LYS A 322 1.83 -1.26 -6.04
C LYS A 322 2.49 -2.51 -6.67
N PHE A 323 3.24 -2.33 -7.76
CA PHE A 323 3.81 -3.46 -8.48
C PHE A 323 5.33 -3.43 -8.51
N TYR A 324 5.91 -4.36 -7.76
CA TYR A 324 7.34 -4.62 -7.82
C TYR A 324 7.73 -4.84 -9.29
N THR A 325 8.78 -4.16 -9.73
CA THR A 325 9.18 -4.12 -11.14
C THR A 325 10.60 -4.61 -11.40
N GLU A 326 10.71 -5.59 -12.30
CA GLU A 326 11.98 -6.12 -12.72
C GLU A 326 12.24 -5.71 -14.17
N PHE A 327 13.41 -5.14 -14.40
CA PHE A 327 13.84 -4.70 -15.70
C PHE A 327 14.86 -5.71 -16.20
N ASP A 328 14.51 -6.40 -17.28
CA ASP A 328 15.29 -7.51 -17.80
C ASP A 328 15.98 -7.13 -19.11
N ARG A 329 17.30 -6.93 -19.02
CA ARG A 329 18.12 -6.55 -20.18
C ARG A 329 18.45 -7.76 -21.06
N ARG A 330 18.65 -8.90 -20.42
CA ARG A 330 18.89 -10.12 -21.16
C ARG A 330 17.77 -10.41 -22.15
N ASN A 331 16.52 -10.35 -21.70
CA ASN A 331 15.38 -10.75 -22.51
C ASN A 331 14.57 -9.57 -23.04
N ASN A 332 15.07 -8.37 -22.85
CA ASN A 332 14.38 -7.15 -23.27
C ASN A 332 12.89 -7.20 -22.91
N ARG A 333 12.64 -7.32 -21.62
CA ARG A 333 11.28 -7.33 -21.10
C ARG A 333 11.22 -6.71 -19.70
N ILE A 334 10.00 -6.37 -19.28
CA ILE A 334 9.74 -5.86 -17.94
C ILE A 334 8.78 -6.82 -17.29
N GLY A 335 9.03 -7.13 -16.01
CA GLY A 335 8.14 -7.97 -15.21
C GLY A 335 7.51 -7.17 -14.10
N PHE A 336 6.24 -7.46 -13.82
CA PHE A 336 5.57 -6.89 -12.66
C PHE A 336 5.07 -7.99 -11.73
N ALA A 337 5.20 -7.75 -10.44
CA ALA A 337 4.64 -8.66 -9.46
C ALA A 337 4.04 -7.80 -8.35
N LEU A 338 3.06 -8.33 -7.63
CA LEU A 338 2.37 -7.56 -6.59
C LEU A 338 3.37 -7.29 -5.47
N ALA A 339 3.63 -6.03 -5.17
CA ALA A 339 4.58 -5.68 -4.11
C ALA A 339 4.03 -6.02 -2.73
N ARG A 340 4.93 -6.39 -1.83
CA ARG A 340 4.64 -6.48 -0.41
C ARG A 340 5.77 -5.92 0.47
N LEU B 3 1.02 -28.20 5.23
CA LEU B 3 1.76 -26.91 5.27
C LEU B 3 2.82 -26.81 4.17
N GLY B 4 2.96 -25.61 3.59
CA GLY B 4 3.98 -25.33 2.59
C GLY B 4 5.03 -24.40 3.17
N ASN B 5 5.54 -23.49 2.34
CA ASN B 5 6.54 -22.52 2.78
C ASN B 5 6.19 -21.09 2.34
N THR B 6 4.92 -20.82 2.05
CA THR B 6 4.52 -19.49 1.59
C THR B 6 3.66 -18.72 2.59
N THR B 7 3.73 -17.39 2.45
CA THR B 7 2.75 -16.52 3.06
C THR B 7 2.17 -15.66 1.95
N SER B 8 1.05 -15.03 2.25
CA SER B 8 0.40 -14.10 1.35
C SER B 8 -0.11 -12.92 2.14
N SER B 9 0.27 -11.72 1.75
CA SER B 9 -0.18 -10.54 2.47
C SER B 9 -1.07 -9.67 1.61
N VAL B 10 -1.92 -8.91 2.28
CA VAL B 10 -2.78 -7.95 1.63
C VAL B 10 -2.65 -6.63 2.37
N ILE B 11 -2.27 -5.60 1.64
CA ILE B 11 -2.14 -4.26 2.18
C ILE B 11 -3.55 -3.66 2.32
N LEU B 12 -3.77 -2.99 3.45
CA LEU B 12 -5.08 -2.48 3.78
C LEU B 12 -5.06 -0.97 3.76
N THR B 13 -6.17 -0.41 3.31
CA THR B 13 -6.40 1.02 3.38
C THR B 13 -7.05 1.31 4.72
N ASN B 14 -6.57 2.35 5.39
CA ASN B 14 -7.17 2.87 6.61
C ASN B 14 -8.02 4.10 6.31
N TYR B 15 -9.32 3.95 6.43
CA TYR B 15 -10.25 5.06 6.34
C TYR B 15 -10.64 5.53 7.76
N MET B 16 -10.12 6.68 8.17
CA MET B 16 -10.55 7.36 9.39
C MET B 16 -10.39 6.58 10.69
N ASP B 17 -9.54 5.55 10.70
CA ASP B 17 -9.44 4.62 11.85
C ASP B 17 -10.69 3.79 12.16
N THR B 18 -11.67 3.77 11.26
CA THR B 18 -12.90 3.02 11.49
C THR B 18 -13.14 1.90 10.48
N GLN B 19 -12.55 2.00 9.29
CA GLN B 19 -12.67 0.98 8.26
C GLN B 19 -11.29 0.62 7.69
N TYR B 20 -10.98 -0.67 7.67
CA TYR B 20 -9.74 -1.18 7.09
C TYR B 20 -10.08 -2.23 6.07
N TYR B 21 -9.65 -2.02 4.83
CA TYR B 21 -10.04 -2.90 3.74
C TYR B 21 -8.94 -3.00 2.71
N GLY B 22 -8.89 -4.15 2.06
CA GLY B 22 -7.96 -4.38 0.97
C GLY B 22 -8.64 -4.95 -0.25
N GLU B 23 -7.82 -5.24 -1.25
CA GLU B 23 -8.27 -5.69 -2.56
CA GLU B 23 -8.29 -5.70 -2.56
C GLU B 23 -8.27 -7.22 -2.67
N ILE B 24 -9.31 -7.77 -3.28
CA ILE B 24 -9.31 -9.16 -3.75
C ILE B 24 -9.79 -9.10 -5.20
N GLY B 25 -9.51 -10.15 -5.95
CA GLY B 25 -10.05 -10.31 -7.29
C GLY B 25 -10.98 -11.51 -7.31
N ILE B 26 -12.13 -11.37 -7.97
CA ILE B 26 -13.06 -12.48 -8.20
C ILE B 26 -13.26 -12.67 -9.71
N GLY B 27 -12.98 -13.88 -10.17
CA GLY B 27 -13.27 -14.27 -11.55
C GLY B 27 -12.05 -14.39 -12.46
N THR B 28 -12.32 -14.81 -13.70
CA THR B 28 -11.31 -14.90 -14.75
C THR B 28 -11.81 -14.07 -15.94
N PRO B 29 -11.19 -12.91 -16.20
CA PRO B 29 -10.12 -12.28 -15.42
C PRO B 29 -10.65 -11.71 -14.12
N PRO B 30 -9.76 -11.46 -13.13
CA PRO B 30 -10.16 -10.90 -11.84
C PRO B 30 -10.95 -9.61 -11.97
N GLN B 31 -12.07 -9.52 -11.25
CA GLN B 31 -12.78 -8.28 -10.99
C GLN B 31 -12.44 -7.93 -9.55
N THR B 32 -11.92 -6.72 -9.34
CA THR B 32 -11.28 -6.38 -8.07
C THR B 32 -12.24 -5.62 -7.15
N PHE B 33 -12.28 -6.02 -5.89
CA PHE B 33 -13.18 -5.47 -4.90
C PHE B 33 -12.43 -5.06 -3.65
N LYS B 34 -12.90 -4.02 -2.98
CA LYS B 34 -12.42 -3.65 -1.66
C LYS B 34 -13.24 -4.42 -0.64
N VAL B 35 -12.57 -5.12 0.25
CA VAL B 35 -13.23 -5.93 1.25
C VAL B 35 -12.60 -5.73 2.63
N VAL B 36 -13.44 -5.81 3.66
CA VAL B 36 -12.98 -5.93 5.03
C VAL B 36 -12.74 -7.42 5.30
N PHE B 37 -11.63 -7.70 5.96
CA PHE B 37 -11.30 -9.05 6.38
C PHE B 37 -11.77 -9.15 7.84
N ASP B 38 -12.79 -9.97 8.06
CA ASP B 38 -13.65 -9.90 9.24
C ASP B 38 -13.71 -11.25 10.01
N THR B 39 -13.02 -11.30 11.15
CA THR B 39 -13.04 -12.46 12.04
C THR B 39 -14.41 -12.65 12.74
N GLY B 40 -15.25 -11.62 12.69
CA GLY B 40 -16.62 -11.69 13.22
C GLY B 40 -17.67 -12.30 12.30
N SER B 41 -17.27 -12.75 11.11
CA SER B 41 -18.17 -13.48 10.22
C SER B 41 -17.39 -14.52 9.40
N SER B 42 -18.13 -15.39 8.71
CA SER B 42 -17.55 -16.58 8.10
C SER B 42 -17.79 -16.73 6.59
N ASN B 43 -18.51 -15.79 5.99
CA ASN B 43 -18.80 -15.80 4.55
C ASN B 43 -18.03 -14.74 3.77
N VAL B 44 -17.76 -15.03 2.50
CA VAL B 44 -17.27 -14.04 1.55
C VAL B 44 -18.47 -13.55 0.79
N TRP B 45 -18.62 -12.24 0.68
CA TRP B 45 -19.66 -11.71 -0.20
C TRP B 45 -19.25 -10.38 -0.83
N VAL B 46 -19.77 -10.15 -2.04
CA VAL B 46 -19.64 -8.87 -2.74
C VAL B 46 -20.99 -8.51 -3.36
N PRO B 47 -21.18 -7.24 -3.71
CA PRO B 47 -22.43 -6.83 -4.36
C PRO B 47 -22.50 -7.36 -5.79
N SER B 48 -23.70 -7.73 -6.22
CA SER B 48 -23.94 -8.34 -7.52
C SER B 48 -24.30 -7.29 -8.57
N SER B 49 -23.97 -7.56 -9.82
CA SER B 49 -24.42 -6.75 -10.97
C SER B 49 -25.95 -6.73 -11.07
N LYS B 50 -26.58 -7.75 -10.48
CA LYS B 50 -28.04 -7.85 -10.41
C LYS B 50 -28.63 -7.15 -9.19
N CYS B 51 -27.80 -6.48 -8.39
CA CYS B 51 -28.30 -5.69 -7.25
C CYS B 51 -28.94 -4.41 -7.75
N SER B 52 -30.24 -4.28 -7.49
CA SER B 52 -31.04 -3.15 -7.96
C SER B 52 -30.42 -1.80 -7.60
N ARG B 53 -30.64 -0.81 -8.47
CA ARG B 53 -30.20 0.55 -8.18
C ARG B 53 -31.18 1.27 -7.24
N LEU B 54 -32.33 0.64 -6.98
CA LEU B 54 -33.19 0.97 -5.82
C LEU B 54 -32.35 1.22 -4.58
N TYR B 55 -31.40 0.31 -4.35
CA TYR B 55 -30.44 0.43 -3.28
C TYR B 55 -29.33 1.38 -3.73
N THR B 56 -29.21 2.52 -3.08
CA THR B 56 -28.14 3.49 -3.38
C THR B 56 -26.79 2.91 -2.98
N ALA B 57 -26.78 1.96 -2.04
CA ALA B 57 -25.57 1.23 -1.70
C ALA B 57 -24.94 0.56 -2.94
N CYS B 58 -25.78 -0.01 -3.80
CA CYS B 58 -25.33 -0.72 -5.01
C CYS B 58 -25.11 0.18 -6.22
N VAL B 59 -25.37 1.48 -6.09
CA VAL B 59 -24.99 2.44 -7.11
C VAL B 59 -23.54 2.93 -6.87
N TYR B 60 -23.09 2.87 -5.61
CA TYR B 60 -21.81 3.45 -5.20
C TYR B 60 -20.72 2.39 -4.94
N HIS B 61 -21.03 1.11 -5.18
CA HIS B 61 -20.05 0.05 -5.00
C HIS B 61 -19.79 -0.75 -6.27
N LYS B 62 -18.62 -1.38 -6.29
CA LYS B 62 -18.23 -2.28 -7.35
C LYS B 62 -19.18 -3.48 -7.34
N LEU B 63 -19.71 -3.84 -8.50
CA LEU B 63 -20.64 -4.96 -8.63
C LEU B 63 -19.99 -6.13 -9.38
N PHE B 64 -20.18 -7.36 -8.88
CA PHE B 64 -19.69 -8.54 -9.57
C PHE B 64 -20.62 -8.94 -10.72
N ASP B 65 -20.06 -8.96 -11.93
CA ASP B 65 -20.76 -9.37 -13.14
C ASP B 65 -20.28 -10.78 -13.50
N ALA B 66 -21.12 -11.77 -13.20
CA ALA B 66 -20.77 -13.17 -13.39
C ALA B 66 -20.55 -13.56 -14.86
N SER B 67 -21.23 -12.86 -15.77
CA SER B 67 -21.15 -13.14 -17.21
CA SER B 67 -21.14 -13.15 -17.21
C SER B 67 -19.78 -12.81 -17.79
N ASP B 68 -19.03 -11.95 -17.09
CA ASP B 68 -17.69 -11.53 -17.53
C ASP B 68 -16.58 -12.43 -16.98
N SER B 69 -16.95 -13.48 -16.25
CA SER B 69 -15.99 -14.43 -15.69
C SER B 69 -16.19 -15.80 -16.31
N SER B 70 -15.11 -16.38 -16.79
CA SER B 70 -15.15 -17.68 -17.46
C SER B 70 -14.99 -18.83 -16.46
N SER B 71 -14.61 -18.50 -15.23
CA SER B 71 -14.48 -19.50 -14.15
C SER B 71 -15.69 -19.51 -13.22
N TYR B 72 -16.68 -18.67 -13.50
CA TYR B 72 -17.91 -18.60 -12.71
C TYR B 72 -18.78 -19.85 -12.87
N LYS B 73 -19.19 -20.43 -11.75
CA LYS B 73 -20.14 -21.55 -11.72
C LYS B 73 -21.33 -21.18 -10.84
N HIS B 74 -22.53 -21.31 -11.39
CA HIS B 74 -23.78 -20.91 -10.75
C HIS B 74 -24.15 -21.84 -9.60
N ASN B 75 -24.74 -21.27 -8.54
CA ASN B 75 -25.32 -22.07 -7.46
C ASN B 75 -26.78 -21.65 -7.19
N GLY B 76 -26.98 -20.39 -6.82
CA GLY B 76 -28.32 -19.81 -6.69
C GLY B 76 -28.98 -19.88 -5.31
N THR B 77 -28.52 -20.81 -4.47
CA THR B 77 -29.00 -20.95 -3.09
C THR B 77 -29.10 -19.59 -2.40
N GLU B 78 -30.29 -19.24 -1.93
CA GLU B 78 -30.49 -17.96 -1.24
C GLU B 78 -29.65 -17.88 0.05
N LEU B 79 -29.40 -16.65 0.48
CA LEU B 79 -28.45 -16.38 1.54
C LEU B 79 -28.81 -15.07 2.25
N THR B 80 -28.93 -15.11 3.58
CA THR B 80 -29.10 -13.91 4.38
C THR B 80 -27.90 -13.74 5.32
N LEU B 81 -26.97 -12.87 4.91
CA LEU B 81 -25.73 -12.59 5.66
C LEU B 81 -25.99 -11.56 6.76
N VAL B 88 -27.73 -8.07 4.85
CA VAL B 88 -27.62 -8.19 3.39
C VAL B 88 -28.16 -9.55 2.91
N SER B 89 -28.61 -9.60 1.65
CA SER B 89 -29.26 -10.80 1.12
C SER B 89 -29.07 -11.01 -0.39
N GLY B 90 -28.92 -12.28 -0.81
CA GLY B 90 -28.63 -12.61 -2.20
C GLY B 90 -28.52 -14.10 -2.44
N PHE B 91 -27.50 -14.52 -3.20
CA PHE B 91 -27.35 -15.94 -3.55
C PHE B 91 -25.89 -16.45 -3.65
N LEU B 92 -25.73 -17.75 -3.46
CA LEU B 92 -24.42 -18.40 -3.48
CA LEU B 92 -24.42 -18.39 -3.48
C LEU B 92 -23.90 -18.60 -4.90
N SER B 93 -22.59 -18.49 -5.06
CA SER B 93 -21.93 -18.63 -6.36
C SER B 93 -20.49 -19.11 -6.13
N GLN B 94 -19.91 -19.71 -7.17
CA GLN B 94 -18.52 -20.16 -7.10
C GLN B 94 -17.65 -19.52 -8.16
N ASP B 95 -16.43 -19.14 -7.77
CA ASP B 95 -15.46 -18.61 -8.71
C ASP B 95 -14.06 -18.60 -8.07
N ILE B 96 -13.07 -18.21 -8.85
CA ILE B 96 -11.70 -18.15 -8.38
C ILE B 96 -11.46 -16.75 -7.77
N ILE B 97 -10.98 -16.76 -6.53
CA ILE B 97 -10.69 -15.52 -5.81
C ILE B 97 -9.19 -15.40 -5.62
N THR B 98 -8.67 -14.22 -5.93
CA THR B 98 -7.25 -13.94 -5.76
C THR B 98 -7.08 -13.04 -4.52
N VAL B 99 -6.24 -13.52 -3.59
CA VAL B 99 -5.95 -12.82 -2.34
C VAL B 99 -4.43 -12.79 -2.22
N GLY B 100 -3.84 -11.62 -2.45
CA GLY B 100 -2.38 -11.45 -2.39
C GLY B 100 -1.58 -12.54 -3.07
N GLY B 101 -1.75 -12.71 -4.37
CA GLY B 101 -0.98 -13.77 -5.06
C GLY B 101 -1.31 -15.23 -4.73
N ILE B 102 -2.31 -15.48 -3.88
CA ILE B 102 -2.92 -16.82 -3.75
C ILE B 102 -4.23 -16.82 -4.52
N THR B 103 -4.46 -17.89 -5.28
CA THR B 103 -5.70 -18.09 -6.00
C THR B 103 -6.41 -19.32 -5.44
N VAL B 104 -7.69 -19.17 -5.12
CA VAL B 104 -8.48 -20.24 -4.51
C VAL B 104 -9.91 -20.24 -5.09
N THR B 105 -10.41 -21.43 -5.43
CA THR B 105 -11.81 -21.59 -5.78
C THR B 105 -12.65 -21.51 -4.51
N GLN B 106 -13.60 -20.60 -4.51
CA GLN B 106 -14.32 -20.21 -3.32
C GLN B 106 -15.78 -19.99 -3.62
N MET B 107 -16.64 -20.42 -2.71
CA MET B 107 -18.05 -20.09 -2.77
C MET B 107 -18.30 -18.81 -1.98
N PHE B 108 -19.04 -17.90 -2.61
CA PHE B 108 -19.29 -16.58 -2.06
C PHE B 108 -20.71 -16.15 -2.37
N GLY B 109 -21.20 -15.19 -1.59
CA GLY B 109 -22.53 -14.61 -1.82
C GLY B 109 -22.48 -13.46 -2.79
N GLU B 110 -23.34 -13.52 -3.81
CA GLU B 110 -23.64 -12.35 -4.64
C GLU B 110 -24.85 -11.65 -4.03
N VAL B 111 -24.63 -10.49 -3.44
CA VAL B 111 -25.65 -9.76 -2.70
C VAL B 111 -26.48 -8.89 -3.65
N THR B 112 -27.78 -9.19 -3.70
CA THR B 112 -28.72 -8.49 -4.57
C THR B 112 -29.68 -7.57 -3.80
N GLU B 113 -29.73 -7.71 -2.47
CA GLU B 113 -30.46 -6.78 -1.60
C GLU B 113 -29.49 -6.18 -0.59
N MET B 114 -29.38 -4.86 -0.56
CA MET B 114 -28.37 -4.18 0.24
C MET B 114 -28.86 -2.82 0.74
N PRO B 115 -29.54 -2.81 1.92
CA PRO B 115 -30.04 -1.58 2.56
C PRO B 115 -29.01 -0.48 2.81
N ALA B 116 -29.48 0.78 2.80
CA ALA B 116 -28.61 1.96 2.95
C ALA B 116 -27.93 2.08 4.30
N LEU B 117 -28.52 1.48 5.34
CA LEU B 117 -27.88 1.40 6.65
C LEU B 117 -27.52 -0.06 6.95
N PRO B 118 -26.22 -0.35 7.20
CA PRO B 118 -25.06 0.55 7.27
C PRO B 118 -24.26 0.74 5.97
N PHE B 119 -24.41 -0.19 5.01
CA PHE B 119 -23.47 -0.26 3.86
C PHE B 119 -23.49 0.89 2.84
N MET B 120 -24.20 2.00 3.13
CA MET B 120 -23.92 3.28 2.46
C MET B 120 -22.68 3.91 3.07
N LEU B 121 -22.45 3.65 4.35
CA LEU B 121 -21.30 4.15 5.09
C LEU B 121 -20.01 3.44 4.69
N ALA B 122 -20.14 2.26 4.09
CA ALA B 122 -19.00 1.44 3.75
C ALA B 122 -18.20 2.05 2.60
N GLU B 123 -16.90 2.29 2.84
CA GLU B 123 -15.98 2.66 1.76
C GLU B 123 -15.53 1.41 0.99
N PHE B 124 -15.86 0.26 1.55
CA PHE B 124 -15.53 -1.02 0.96
C PHE B 124 -16.77 -1.63 0.28
N ASP B 125 -16.55 -2.63 -0.56
CA ASP B 125 -17.60 -3.24 -1.35
C ASP B 125 -18.19 -4.45 -0.67
N GLY B 126 -17.32 -5.29 -0.10
CA GLY B 126 -17.72 -6.58 0.45
C GLY B 126 -16.97 -6.99 1.70
N VAL B 127 -17.15 -8.25 2.09
CA VAL B 127 -16.56 -8.80 3.29
C VAL B 127 -15.94 -10.15 2.96
N VAL B 128 -14.71 -10.37 3.42
CA VAL B 128 -14.12 -11.71 3.43
C VAL B 128 -14.13 -12.18 4.89
N GLY B 129 -15.00 -13.13 5.19
CA GLY B 129 -15.17 -13.60 6.55
C GLY B 129 -14.07 -14.57 6.91
N MET B 130 -13.40 -14.25 8.02
CA MET B 130 -12.26 -15.03 8.50
C MET B 130 -12.64 -15.87 9.72
N GLY B 131 -13.94 -15.95 9.99
CA GLY B 131 -14.47 -16.79 11.04
C GLY B 131 -14.59 -18.25 10.61
N PHE B 132 -15.18 -19.04 11.50
CA PHE B 132 -15.19 -20.49 11.33
C PHE B 132 -16.40 -20.94 10.54
N ILE B 133 -16.30 -22.13 9.95
CA ILE B 133 -17.40 -22.74 9.18
C ILE B 133 -18.66 -22.92 10.02
N GLU B 134 -18.50 -23.05 11.34
CA GLU B 134 -19.62 -23.17 12.26
C GLU B 134 -20.63 -21.99 12.16
N GLN B 135 -20.15 -20.81 11.82
CA GLN B 135 -21.00 -19.61 11.70
C GLN B 135 -21.25 -19.20 10.25
N ALA B 136 -20.81 -20.04 9.29
CA ALA B 136 -21.02 -19.76 7.87
C ALA B 136 -22.47 -19.98 7.52
N ILE B 137 -23.04 -19.04 6.76
CA ILE B 137 -24.40 -19.19 6.22
C ILE B 137 -24.32 -20.18 5.05
N GLY B 138 -25.24 -21.16 5.04
CA GLY B 138 -25.22 -22.26 4.09
C GLY B 138 -24.11 -23.27 4.34
N ARG B 139 -23.52 -23.25 5.53
CA ARG B 139 -22.31 -24.04 5.85
C ARG B 139 -21.31 -24.05 4.69
N VAL B 140 -21.10 -22.88 4.09
CA VAL B 140 -20.13 -22.73 3.02
C VAL B 140 -18.74 -22.77 3.65
N THR B 141 -17.83 -23.54 3.05
CA THR B 141 -16.44 -23.58 3.50
C THR B 141 -15.81 -22.20 3.40
N PRO B 142 -15.37 -21.62 4.54
CA PRO B 142 -14.71 -20.32 4.46
C PRO B 142 -13.43 -20.34 3.65
N ILE B 143 -13.01 -19.14 3.22
CA ILE B 143 -11.89 -19.01 2.30
C ILE B 143 -10.57 -19.46 2.92
N PHE B 144 -10.36 -19.16 4.21
CA PHE B 144 -9.12 -19.56 4.84
C PHE B 144 -8.97 -21.09 4.92
N ASP B 145 -10.07 -21.78 5.24
CA ASP B 145 -10.13 -23.24 5.21
C ASP B 145 -9.81 -23.80 3.83
N ASN B 146 -10.34 -23.16 2.77
CA ASN B 146 -10.06 -23.60 1.40
C ASN B 146 -8.60 -23.37 1.03
N ILE B 147 -8.01 -22.28 1.55
CA ILE B 147 -6.58 -22.00 1.31
C ILE B 147 -5.69 -22.94 2.13
N ILE B 148 -6.08 -23.25 3.37
CA ILE B 148 -5.40 -24.27 4.18
C ILE B 148 -5.35 -25.59 3.42
N SER B 149 -6.46 -25.94 2.76
CA SER B 149 -6.59 -27.19 2.01
C SER B 149 -5.60 -27.34 0.85
N GLN B 150 -5.07 -26.22 0.36
CA GLN B 150 -4.10 -26.25 -0.74
C GLN B 150 -2.73 -26.72 -0.29
N GLY B 151 -2.44 -26.59 1.01
CA GLY B 151 -1.17 -27.05 1.57
C GLY B 151 0.01 -26.20 1.14
N VAL B 152 -0.21 -24.90 0.98
CA VAL B 152 0.84 -23.98 0.54
C VAL B 152 1.32 -23.02 1.65
N LEU B 153 0.47 -22.74 2.63
CA LEU B 153 0.80 -21.78 3.68
C LEU B 153 1.77 -22.38 4.71
N LYS B 154 2.71 -21.54 5.16
CA LYS B 154 3.75 -21.97 6.08
C LYS B 154 3.20 -22.43 7.42
N GLU B 155 2.20 -21.71 7.94
CA GLU B 155 1.50 -22.08 9.16
C GLU B 155 0.00 -21.83 8.99
N ASP B 156 -0.81 -22.53 9.79
CA ASP B 156 -2.28 -22.36 9.73
CA ASP B 156 -2.27 -22.42 9.77
C ASP B 156 -2.72 -21.23 10.65
N VAL B 157 -2.20 -20.04 10.35
CA VAL B 157 -2.50 -18.83 11.09
C VAL B 157 -2.66 -17.67 10.11
N PHE B 158 -3.37 -16.64 10.55
CA PHE B 158 -3.35 -15.36 9.85
C PHE B 158 -3.30 -14.22 10.86
N SER B 159 -2.74 -13.10 10.43
CA SER B 159 -2.37 -12.03 11.34
C SER B 159 -2.82 -10.69 10.79
N PHE B 160 -3.09 -9.76 11.71
CA PHE B 160 -3.60 -8.43 11.37
C PHE B 160 -2.74 -7.37 11.99
N TYR B 161 -2.41 -6.39 11.16
CA TYR B 161 -1.80 -5.15 11.57
C TYR B 161 -2.73 -4.04 11.11
N TYR B 162 -3.11 -3.18 12.05
CA TYR B 162 -3.92 -2.00 11.75
C TYR B 162 -3.12 -0.80 12.22
N ASN B 163 -2.83 0.11 11.29
CA ASN B 163 -2.09 1.31 11.59
C ASN B 163 -3.00 2.41 12.11
N ARG B 164 -2.40 3.38 12.80
CA ARG B 164 -3.05 4.63 13.15
C ARG B 164 -3.08 5.53 11.91
N ASP B 165 -4.15 6.28 11.75
CA ASP B 165 -4.32 7.14 10.56
C ASP B 165 -3.45 8.40 10.66
N SER B 166 -2.91 8.83 9.52
CA SER B 166 -2.07 10.02 9.42
C SER B 166 -2.50 10.91 8.25
N GLU B 167 -2.62 12.21 8.51
CA GLU B 167 -2.88 13.18 7.43
C GLU B 167 -1.56 13.64 6.79
N ASN B 168 -0.46 13.44 7.51
CA ASN B 168 0.87 13.95 7.11
C ASN B 168 1.78 12.94 6.38
N SER B 169 1.23 11.79 6.02
CA SER B 169 2.01 10.73 5.38
C SER B 169 1.06 9.79 4.66
N GLN B 170 1.48 9.25 3.53
CA GLN B 170 0.69 8.23 2.83
C GLN B 170 1.18 6.83 3.20
N SER B 171 1.09 6.51 4.49
CA SER B 171 1.63 5.27 5.02
C SER B 171 0.67 4.11 4.82
N LEU B 172 1.11 2.89 5.12
CA LEU B 172 0.23 1.75 4.93
C LEU B 172 -0.89 1.81 5.98
N GLY B 173 -2.12 1.54 5.55
CA GLY B 173 -3.26 1.54 6.43
C GLY B 173 -3.26 0.36 7.38
N GLY B 174 -2.66 -0.73 6.93
CA GLY B 174 -2.58 -1.98 7.66
C GLY B 174 -2.17 -3.10 6.74
N GLN B 175 -2.18 -4.32 7.29
CA GLN B 175 -1.75 -5.51 6.57
C GLN B 175 -2.32 -6.78 7.19
N ILE B 176 -2.85 -7.65 6.35
CA ILE B 176 -3.16 -9.02 6.76
C ILE B 176 -2.12 -9.94 6.15
N VAL B 177 -1.59 -10.86 6.96
CA VAL B 177 -0.70 -11.91 6.47
C VAL B 177 -1.39 -13.26 6.62
N LEU B 178 -1.56 -14.00 5.52
CA LEU B 178 -2.02 -15.38 5.56
C LEU B 178 -0.80 -16.29 5.64
N GLY B 179 -0.79 -17.18 6.64
CA GLY B 179 0.27 -18.18 6.75
C GLY B 179 1.37 -17.81 7.72
N GLY B 180 1.24 -16.65 8.35
CA GLY B 180 2.25 -16.19 9.28
C GLY B 180 1.98 -14.81 9.84
N SER B 181 3.06 -14.20 10.31
CA SER B 181 3.06 -12.84 10.86
C SER B 181 4.27 -12.07 10.33
N ASP B 182 4.17 -10.75 10.34
CA ASP B 182 5.23 -9.88 9.84
C ASP B 182 5.89 -9.17 11.00
N PRO B 183 7.11 -9.59 11.37
CA PRO B 183 7.84 -9.01 12.51
C PRO B 183 8.15 -7.50 12.36
N GLN B 184 8.06 -6.96 11.15
CA GLN B 184 8.21 -5.52 10.97
C GLN B 184 7.11 -4.73 11.66
N HIS B 185 6.01 -5.38 11.97
CA HIS B 185 4.85 -4.68 12.54
C HIS B 185 4.47 -5.07 13.96
N TYR B 186 5.32 -5.84 14.63
CA TYR B 186 5.23 -5.98 16.07
C TYR B 186 6.59 -6.06 16.74
N GLU B 187 6.58 -5.86 18.05
CA GLU B 187 7.80 -6.02 18.83
C GLU B 187 7.62 -7.06 19.93
N GLY B 188 8.75 -7.61 20.36
CA GLY B 188 8.78 -8.66 21.34
C GLY B 188 8.13 -9.92 20.77
N ASN B 189 7.55 -10.71 21.66
CA ASN B 189 7.01 -12.02 21.29
C ASN B 189 5.54 -12.10 21.57
N PHE B 190 4.88 -12.98 20.84
CA PHE B 190 3.48 -13.24 21.05
C PHE B 190 3.23 -13.94 22.37
N HIS B 191 2.15 -13.54 23.00
CA HIS B 191 1.53 -14.32 24.06
CA HIS B 191 1.52 -14.33 24.07
C HIS B 191 0.12 -14.65 23.59
N TYR B 192 -0.31 -15.88 23.86
CA TYR B 192 -1.57 -16.41 23.34
C TYR B 192 -2.62 -16.66 24.41
N ILE B 193 -3.88 -16.61 23.99
CA ILE B 193 -5.02 -16.93 24.81
C ILE B 193 -5.86 -17.93 24.02
N ASN B 194 -6.22 -19.03 24.66
CA ASN B 194 -6.99 -20.08 23.99
C ASN B 194 -8.42 -19.64 23.82
N LEU B 195 -9.04 -20.07 22.71
CA LEU B 195 -10.45 -19.85 22.48
C LEU B 195 -11.25 -20.64 23.52
N ILE B 196 -12.36 -20.06 23.98
CA ILE B 196 -13.26 -20.79 24.86
C ILE B 196 -13.74 -22.08 24.16
N LYS B 197 -14.11 -21.94 22.89
CA LYS B 197 -14.46 -23.08 22.06
C LYS B 197 -14.16 -22.77 20.61
N THR B 198 -13.94 -23.83 19.84
CA THR B 198 -13.75 -23.67 18.41
C THR B 198 -15.04 -23.17 17.79
N GLY B 199 -14.92 -22.49 16.65
CA GLY B 199 -16.08 -22.01 15.92
C GLY B 199 -16.35 -20.53 16.07
N VAL B 200 -15.62 -19.87 16.99
CA VAL B 200 -15.79 -18.45 17.28
C VAL B 200 -14.49 -17.88 17.86
N TRP B 201 -14.00 -16.79 17.27
CA TRP B 201 -12.78 -16.10 17.75
C TRP B 201 -13.06 -15.30 19.01
N GLN B 202 -13.36 -16.05 20.07
CA GLN B 202 -13.79 -15.47 21.35
C GLN B 202 -13.03 -16.16 22.49
N ILE B 203 -12.52 -15.33 23.40
CA ILE B 203 -11.64 -15.77 24.47
C ILE B 203 -12.22 -15.28 25.80
N GLN B 204 -11.82 -15.93 26.88
CA GLN B 204 -12.18 -15.47 28.22
C GLN B 204 -11.42 -14.19 28.57
N MET B 205 -12.13 -13.22 29.16
CA MET B 205 -11.49 -12.05 29.72
C MET B 205 -11.66 -12.09 31.24
N LYS B 206 -10.56 -11.86 31.97
CA LYS B 206 -10.55 -12.02 33.41
C LYS B 206 -10.83 -10.71 34.15
N GLY B 207 -10.89 -9.60 33.45
CA GLY B 207 -11.22 -8.32 34.06
C GLY B 207 -10.90 -7.14 33.15
N VAL B 208 -11.59 -6.02 33.37
CA VAL B 208 -11.30 -4.75 32.70
C VAL B 208 -11.10 -3.69 33.76
N SER B 209 -9.88 -3.17 33.85
CA SER B 209 -9.52 -2.23 34.90
C SER B 209 -9.35 -0.83 34.31
N VAL B 210 -9.78 0.17 35.07
CA VAL B 210 -9.58 1.57 34.70
C VAL B 210 -8.59 2.15 35.70
N GLY B 211 -7.40 2.51 35.22
CA GLY B 211 -6.32 2.99 36.07
C GLY B 211 -6.06 2.11 37.29
N SER B 212 -6.39 2.63 38.48
CA SER B 212 -6.10 1.95 39.75
C SER B 212 -7.33 1.24 40.37
N SER B 213 -7.90 0.29 39.62
CA SER B 213 -9.01 -0.55 40.10
C SER B 213 -9.59 -1.41 38.96
N THR B 214 -9.90 -2.67 39.27
CA THR B 214 -10.71 -3.50 38.37
C THR B 214 -12.17 -3.23 38.68
N LEU B 215 -12.80 -2.32 37.94
CA LEU B 215 -14.23 -2.04 38.15
C LEU B 215 -15.14 -2.94 37.33
N LEU B 216 -14.60 -3.54 36.27
CA LEU B 216 -15.44 -4.25 35.34
C LEU B 216 -14.98 -5.67 35.06
N CYS B 217 -15.94 -6.52 34.72
CA CYS B 217 -15.68 -7.91 34.35
C CYS B 217 -14.96 -8.67 35.49
N GLU B 218 -15.18 -8.23 36.73
CA GLU B 218 -14.82 -9.03 37.90
C GLU B 218 -15.66 -10.30 37.76
N ASP B 219 -15.08 -11.45 38.10
CA ASP B 219 -15.73 -12.75 37.90
C ASP B 219 -15.82 -13.17 36.42
N GLY B 220 -15.14 -12.44 35.54
CA GLY B 220 -14.94 -12.87 34.16
C GLY B 220 -16.03 -12.52 33.16
N CYS B 221 -15.65 -12.49 31.89
CA CYS B 221 -16.55 -12.15 30.81
C CYS B 221 -15.93 -12.63 29.49
N LEU B 222 -16.62 -12.36 28.39
CA LEU B 222 -16.23 -12.82 27.07
C LEU B 222 -15.67 -11.66 26.25
N ALA B 223 -14.70 -11.98 25.39
CA ALA B 223 -14.10 -11.00 24.50
C ALA B 223 -14.00 -11.60 23.10
N LEU B 224 -14.80 -11.08 22.18
CA LEU B 224 -14.72 -11.43 20.77
C LEU B 224 -13.63 -10.57 20.15
N VAL B 225 -12.64 -11.19 19.51
CA VAL B 225 -11.59 -10.46 18.84
C VAL B 225 -12.02 -10.31 17.37
N ASP B 226 -12.49 -9.11 17.06
CA ASP B 226 -13.30 -8.87 15.87
C ASP B 226 -12.64 -7.85 14.96
N THR B 227 -11.92 -8.35 13.96
CA THR B 227 -11.23 -7.48 13.01
C THR B 227 -12.18 -6.63 12.16
N GLY B 228 -13.44 -7.04 12.09
CA GLY B 228 -14.47 -6.25 11.40
C GLY B 228 -15.16 -5.17 12.23
N ALA B 229 -14.85 -5.08 13.51
CA ALA B 229 -15.46 -4.07 14.37
C ALA B 229 -14.53 -2.87 14.47
N SER B 230 -15.08 -1.67 14.39
CA SER B 230 -14.25 -0.45 14.46
C SER B 230 -13.65 -0.20 15.84
N TYR B 231 -14.39 -0.58 16.88
CA TYR B 231 -14.11 -0.10 18.22
C TYR B 231 -13.88 -1.23 19.20
N ILE B 232 -13.53 -0.85 20.42
CA ILE B 232 -13.72 -1.72 21.56
C ILE B 232 -15.15 -1.46 21.99
N SER B 233 -15.90 -2.54 22.15
CA SER B 233 -17.26 -2.42 22.63
C SER B 233 -17.52 -3.36 23.82
N GLY B 234 -18.48 -2.96 24.64
CA GLY B 234 -19.04 -3.83 25.65
C GLY B 234 -20.53 -3.63 25.69
N SER B 235 -21.20 -4.28 26.63
CA SER B 235 -22.63 -4.09 26.81
C SER B 235 -22.91 -2.63 27.14
N THR B 236 -24.14 -2.20 26.88
CA THR B 236 -24.59 -0.86 27.24
C THR B 236 -24.30 -0.53 28.71
N SER B 237 -24.52 -1.50 29.60
CA SER B 237 -24.35 -1.29 31.04
C SER B 237 -22.87 -1.21 31.44
N SER B 238 -22.05 -2.07 30.84
CA SER B 238 -20.59 -2.04 31.06
C SER B 238 -19.97 -0.72 30.60
N ILE B 239 -20.34 -0.28 29.41
CA ILE B 239 -19.83 0.97 28.85
C ILE B 239 -20.32 2.18 29.63
N GLU B 240 -21.60 2.17 30.03
CA GLU B 240 -22.13 3.22 30.92
C GLU B 240 -21.25 3.38 32.15
N LYS B 241 -20.86 2.25 32.75
CA LYS B 241 -20.04 2.25 33.95
C LYS B 241 -18.58 2.64 33.67
N LEU B 242 -18.02 2.13 32.58
CA LEU B 242 -16.69 2.54 32.13
C LEU B 242 -16.61 4.05 31.91
N MET B 243 -17.57 4.57 31.16
CA MET B 243 -17.58 5.99 30.80
C MET B 243 -17.74 6.88 32.03
N GLU B 244 -18.59 6.45 32.95
CA GLU B 244 -18.74 7.10 34.25
C GLU B 244 -17.40 7.20 34.96
N ALA B 245 -16.67 6.10 35.00
CA ALA B 245 -15.31 6.04 35.56
C ALA B 245 -14.33 6.99 34.86
N LEU B 246 -14.46 7.15 33.54
CA LEU B 246 -13.58 8.02 32.77
C LEU B 246 -13.93 9.51 32.88
N GLY B 247 -15.18 9.83 33.21
CA GLY B 247 -15.65 11.22 33.21
C GLY B 247 -16.22 11.65 31.87
N ALA B 248 -16.39 10.70 30.96
CA ALA B 248 -16.96 10.94 29.65
C ALA B 248 -18.46 10.95 29.77
N LYS B 249 -19.13 11.73 28.93
CA LYS B 249 -20.59 11.71 28.91
C LYS B 249 -21.11 11.66 27.49
N LYS B 250 -22.33 11.17 27.33
CA LYS B 250 -22.90 10.99 26.01
C LYS B 250 -23.34 12.34 25.47
N ARG B 251 -22.61 12.79 24.45
CA ARG B 251 -22.89 14.03 23.75
C ARG B 251 -24.32 13.96 23.25
N LEU B 252 -24.58 12.98 22.39
CA LEU B 252 -25.93 12.63 21.99
C LEU B 252 -25.95 11.33 21.19
N PHE B 253 -25.04 11.19 20.23
CA PHE B 253 -24.78 9.89 19.62
C PHE B 253 -23.60 9.20 20.31
N ASP B 254 -22.55 9.95 20.63
CA ASP B 254 -21.30 9.36 21.16
C ASP B 254 -20.86 9.92 22.51
N TYR B 255 -19.94 9.19 23.16
CA TYR B 255 -19.31 9.63 24.41
C TYR B 255 -18.12 10.53 24.12
N VAL B 256 -18.05 11.65 24.83
CA VAL B 256 -16.96 12.61 24.64
C VAL B 256 -16.34 13.08 25.96
N VAL B 257 -15.12 13.63 25.84
CA VAL B 257 -14.42 14.31 26.92
C VAL B 257 -13.93 15.64 26.35
N LYS B 258 -13.67 16.61 27.23
CA LYS B 258 -13.00 17.84 26.79
C LYS B 258 -11.64 17.40 26.23
N CYS B 259 -11.29 17.90 25.05
CA CYS B 259 -10.09 17.40 24.36
C CYS B 259 -8.83 17.63 25.20
N ASN B 260 -8.80 18.72 25.96
CA ASN B 260 -7.69 18.99 26.86
C ASN B 260 -7.57 17.98 28.03
N GLU B 261 -8.67 17.34 28.40
CA GLU B 261 -8.66 16.41 29.52
C GLU B 261 -8.42 14.96 29.07
N GLY B 262 -8.47 14.72 27.76
CA GLY B 262 -8.17 13.40 27.19
C GLY B 262 -6.84 12.82 27.65
N PRO B 263 -5.74 13.59 27.50
CA PRO B 263 -4.41 13.15 27.97
C PRO B 263 -4.32 12.78 29.46
N THR B 264 -5.29 13.20 30.26
CA THR B 264 -5.30 12.91 31.70
C THR B 264 -6.15 11.70 32.06
N LEU B 265 -6.89 11.16 31.09
CA LEU B 265 -7.70 9.99 31.35
C LEU B 265 -6.81 8.79 31.65
N PRO B 266 -7.26 7.90 32.53
CA PRO B 266 -6.48 6.76 32.96
C PRO B 266 -6.31 5.69 31.90
N ASP B 267 -5.36 4.79 32.12
CA ASP B 267 -5.17 3.63 31.27
C ASP B 267 -6.33 2.69 31.48
N ILE B 268 -6.69 1.97 30.42
CA ILE B 268 -7.65 0.88 30.54
C ILE B 268 -6.90 -0.40 30.18
N SER B 269 -6.96 -1.38 31.08
CA SER B 269 -6.32 -2.67 30.86
C SER B 269 -7.34 -3.79 30.75
N PHE B 270 -7.13 -4.67 29.77
CA PHE B 270 -7.96 -5.85 29.56
C PHE B 270 -7.14 -7.08 29.93
N HIS B 271 -7.64 -7.83 30.91
CA HIS B 271 -6.94 -8.99 31.46
C HIS B 271 -7.24 -10.23 30.62
N LEU B 272 -6.28 -10.62 29.80
CA LEU B 272 -6.44 -11.73 28.86
C LEU B 272 -5.30 -12.71 29.03
N GLY B 273 -5.62 -13.97 29.32
CA GLY B 273 -4.62 -15.02 29.48
C GLY B 273 -3.52 -14.67 30.46
N GLY B 274 -3.87 -14.14 31.62
CA GLY B 274 -2.87 -13.96 32.69
C GLY B 274 -2.02 -12.70 32.52
N LYS B 275 -2.22 -12.00 31.39
CA LYS B 275 -1.50 -10.78 31.01
C LYS B 275 -2.46 -9.60 30.95
N GLU B 276 -1.92 -8.40 31.17
CA GLU B 276 -2.69 -7.18 31.11
C GLU B 276 -2.40 -6.43 29.80
N TYR B 277 -3.44 -6.22 28.99
CA TYR B 277 -3.33 -5.50 27.73
C TYR B 277 -3.85 -4.08 27.92
N THR B 278 -2.92 -3.14 27.94
CA THR B 278 -3.18 -1.78 28.37
C THR B 278 -3.23 -0.80 27.21
N LEU B 279 -4.30 0.00 27.18
CA LEU B 279 -4.38 1.13 26.29
C LEU B 279 -4.29 2.40 27.13
N THR B 280 -3.44 3.33 26.72
CA THR B 280 -3.38 4.67 27.30
C THR B 280 -4.47 5.50 26.62
N SER B 281 -4.75 6.70 27.16
CA SER B 281 -5.81 7.56 26.61
C SER B 281 -5.53 7.92 25.15
N ALA B 282 -4.26 8.08 24.80
CA ALA B 282 -3.85 8.27 23.40
C ALA B 282 -4.35 7.16 22.47
N ASP B 283 -4.49 5.96 23.00
CA ASP B 283 -4.91 4.79 22.22
C ASP B 283 -6.42 4.67 22.08
N TYR B 284 -7.19 5.33 22.95
CA TYR B 284 -8.65 5.22 22.88
C TYR B 284 -9.42 6.53 22.71
N VAL B 285 -8.77 7.67 22.88
CA VAL B 285 -9.45 8.92 22.51
C VAL B 285 -8.94 9.42 21.15
N PHE B 286 -9.89 9.84 20.31
CA PHE B 286 -9.62 10.46 19.03
C PHE B 286 -9.36 11.92 19.29
N GLN B 287 -8.09 12.27 19.47
CA GLN B 287 -7.70 13.65 19.71
C GLN B 287 -7.76 14.44 18.40
N GLU B 288 -8.95 14.51 17.81
CA GLU B 288 -9.23 15.32 16.61
C GLU B 288 -8.81 16.78 16.83
N SER B 289 -8.74 17.15 18.11
CA SER B 289 -8.31 18.46 18.57
C SER B 289 -7.58 18.28 19.90
N TYR B 290 -7.03 19.36 20.48
CA TYR B 290 -6.53 19.31 21.88
C TYR B 290 -6.96 20.51 22.77
N SER B 291 -7.88 21.34 22.27
CA SER B 291 -8.21 22.54 23.01
C SER B 291 -9.20 22.27 24.15
N SER B 292 -9.16 23.17 25.12
CA SER B 292 -10.14 23.23 26.19
C SER B 292 -11.52 23.66 25.69
N LYS B 293 -11.62 23.99 24.40
CA LYS B 293 -12.84 24.54 23.81
C LYS B 293 -13.54 23.56 22.86
N LYS B 294 -12.98 22.35 22.73
CA LYS B 294 -13.50 21.32 21.83
C LYS B 294 -13.76 20.02 22.60
N LEU B 295 -14.72 19.25 22.10
CA LEU B 295 -15.01 17.93 22.62
C LEU B 295 -14.38 16.88 21.71
N CYS B 296 -13.88 15.81 22.31
CA CYS B 296 -13.24 14.71 21.60
C CYS B 296 -13.96 13.40 21.89
N THR B 297 -14.13 12.58 20.86
CA THR B 297 -14.87 11.33 20.97
C THR B 297 -13.91 10.20 21.35
N LEU B 298 -14.46 9.13 21.91
CA LEU B 298 -13.69 7.94 22.28
C LEU B 298 -13.91 6.82 21.28
N ALA B 299 -12.92 5.94 21.14
CA ALA B 299 -12.98 4.81 20.25
C ALA B 299 -13.48 3.55 20.98
N ILE B 300 -14.41 3.76 21.92
CA ILE B 300 -15.04 2.72 22.72
C ILE B 300 -16.54 2.99 22.73
N HIS B 301 -17.34 1.98 22.40
CA HIS B 301 -18.78 2.16 22.21
C HIS B 301 -19.57 1.03 22.84
N ALA B 302 -20.83 1.27 23.14
CA ALA B 302 -21.70 0.20 23.59
C ALA B 302 -22.16 -0.58 22.36
N MET B 303 -22.25 -1.90 22.51
CA MET B 303 -22.79 -2.76 21.47
CA MET B 303 -22.81 -2.76 21.47
C MET B 303 -23.33 -4.02 22.16
N ASP B 304 -24.64 -4.18 22.17
CA ASP B 304 -25.26 -5.34 22.79
C ASP B 304 -25.36 -6.44 21.74
N ILE B 305 -24.40 -7.34 21.77
CA ILE B 305 -24.30 -8.43 20.80
C ILE B 305 -25.17 -9.55 21.35
N PRO B 306 -26.19 -9.99 20.58
CA PRO B 306 -27.14 -10.94 21.13
C PRO B 306 -26.57 -12.35 21.13
N PRO B 307 -27.22 -13.27 21.88
CA PRO B 307 -26.84 -14.68 21.86
C PRO B 307 -26.84 -15.28 20.44
N PRO B 308 -26.12 -16.40 20.24
CA PRO B 308 -25.34 -17.10 21.27
C PRO B 308 -23.93 -16.49 21.50
N THR B 309 -23.43 -15.70 20.55
CA THR B 309 -22.09 -15.12 20.65
C THR B 309 -21.95 -14.15 21.83
N GLY B 310 -22.94 -13.26 21.98
CA GLY B 310 -23.00 -12.37 23.14
C GLY B 310 -23.99 -12.82 24.20
N PRO B 311 -24.20 -12.01 25.25
CA PRO B 311 -23.47 -10.77 25.52
C PRO B 311 -21.96 -10.99 25.57
N THR B 312 -21.20 -10.03 25.06
CA THR B 312 -19.75 -10.13 25.00
C THR B 312 -19.13 -8.75 24.75
N TRP B 313 -17.89 -8.57 25.19
CA TRP B 313 -17.07 -7.48 24.70
C TRP B 313 -16.58 -7.85 23.30
N ALA B 314 -16.34 -6.82 22.49
CA ALA B 314 -15.63 -6.98 21.22
C ALA B 314 -14.37 -6.13 21.23
N LEU B 315 -13.26 -6.75 20.86
CA LEU B 315 -11.99 -6.06 20.72
C LEU B 315 -11.74 -5.89 19.22
N GLY B 316 -12.06 -4.70 18.73
CA GLY B 316 -11.95 -4.35 17.32
C GLY B 316 -10.74 -3.48 17.03
N ALA B 317 -10.84 -2.65 15.99
CA ALA B 317 -9.71 -1.86 15.48
C ALA B 317 -8.96 -1.08 16.56
N THR B 318 -9.69 -0.50 17.51
CA THR B 318 -9.08 0.22 18.64
C THR B 318 -8.04 -0.64 19.36
N PHE B 319 -8.42 -1.87 19.67
CA PHE B 319 -7.53 -2.83 20.32
C PHE B 319 -6.41 -3.30 19.40
N ILE B 320 -6.75 -3.66 18.17
CA ILE B 320 -5.78 -4.20 17.20
C ILE B 320 -4.69 -3.18 16.81
N ARG B 321 -5.04 -1.90 16.79
CA ARG B 321 -4.04 -0.84 16.53
C ARG B 321 -2.94 -0.88 17.56
N LYS B 322 -3.31 -1.14 18.81
CA LYS B 322 -2.33 -1.25 19.88
C LYS B 322 -1.60 -2.60 19.80
N PHE B 323 -2.36 -3.67 19.60
CA PHE B 323 -1.83 -5.04 19.61
C PHE B 323 -1.99 -5.79 18.30
N TYR B 324 -0.85 -5.96 17.62
CA TYR B 324 -0.73 -6.84 16.46
C TYR B 324 -1.32 -8.20 16.85
N THR B 325 -2.18 -8.73 16.00
CA THR B 325 -2.99 -9.90 16.34
C THR B 325 -2.80 -11.06 15.38
N GLU B 326 -2.52 -12.23 15.96
CA GLU B 326 -2.40 -13.48 15.23
C GLU B 326 -3.52 -14.46 15.60
N PHE B 327 -4.28 -14.86 14.58
CA PHE B 327 -5.35 -15.82 14.72
C PHE B 327 -4.84 -17.20 14.34
N ASP B 328 -4.75 -18.07 15.34
CA ASP B 328 -4.08 -19.36 15.19
C ASP B 328 -5.11 -20.50 15.13
N ARG B 329 -5.39 -20.93 13.90
CA ARG B 329 -6.37 -21.99 13.65
C ARG B 329 -5.88 -23.40 14.00
N ARG B 330 -4.57 -23.65 13.86
CA ARG B 330 -4.01 -24.93 14.24
C ARG B 330 -4.30 -25.19 15.70
N ASN B 331 -4.09 -24.16 16.53
CA ASN B 331 -4.15 -24.29 17.99
C ASN B 331 -5.41 -23.68 18.64
N ASN B 332 -6.30 -23.11 17.83
CA ASN B 332 -7.51 -22.47 18.35
C ASN B 332 -7.14 -21.53 19.46
N ARG B 333 -6.31 -20.55 19.10
CA ARG B 333 -5.88 -19.54 20.05
C ARG B 333 -5.63 -18.23 19.31
N ILE B 334 -5.54 -17.15 20.08
CA ILE B 334 -5.25 -15.82 19.53
C ILE B 334 -4.01 -15.25 20.21
N GLY B 335 -3.06 -14.78 19.40
CA GLY B 335 -1.82 -14.19 19.90
C GLY B 335 -1.80 -12.68 19.76
N PHE B 336 -1.31 -11.99 20.79
CA PHE B 336 -1.10 -10.54 20.73
C PHE B 336 0.38 -10.18 20.95
N ALA B 337 0.82 -9.14 20.27
CA ALA B 337 2.14 -8.56 20.45
C ALA B 337 1.99 -7.06 20.21
N LEU B 338 2.82 -6.29 20.89
CA LEU B 338 2.75 -4.85 20.79
C LEU B 338 3.08 -4.37 19.37
N ALA B 339 2.25 -3.46 18.88
CA ALA B 339 2.71 -2.47 17.87
C ALA B 339 2.71 -2.74 16.43
N ARG B 340 3.74 -2.37 15.65
CA ARG B 340 4.58 -1.18 15.72
C ARG B 340 4.65 -0.65 14.30
C1 7IG C . 11.94 13.45 -14.43
N1 7IG C . 11.80 12.32 -15.16
C2 7IG C . 12.77 11.36 -15.17
N2 7IG C . 13.92 11.50 -14.47
C3 7IG C . 14.19 12.57 -13.68
C4 7IG C . 13.19 13.66 -13.63
N3 7IG C . 10.96 14.37 -14.44
N4 7IG C . 12.61 10.26 -15.93
C5 7IG C . 15.48 12.61 -12.91
C6 7IG C . 15.36 11.83 -11.64
C7 7IG C . 12.68 15.75 -10.60
C8 7IG C . 12.65 14.75 -11.56
C9 7IG C . 13.36 14.85 -12.75
C10 7IG C . 14.14 15.98 -13.00
C11 7IG C . 14.17 17.00 -12.04
C12 7IG C . 13.45 16.89 -10.83
N5 7IG C . 13.49 17.87 -9.90
C13 7IG C . 9.46 19.21 -7.55
C14 7IG C . 10.75 18.74 -7.54
C15 7IG C . 11.34 18.28 -8.72
C16 7IG C . 10.60 18.32 -9.92
C17 7IG C . 9.30 18.82 -9.94
C18 7IG C . 8.73 19.25 -8.75
F1 7IG C . 8.91 19.63 -6.39
C19 7IG C . 12.77 17.79 -8.63
F2 7IG C . 8.58 18.86 -11.09
#